data_4RG7
#
_entry.id   4RG7
#
_cell.length_a   118.408
_cell.length_b   118.408
_cell.length_c   273.739
_cell.angle_alpha   90.00
_cell.angle_beta   90.00
_cell.angle_gamma   120.00
#
_symmetry.space_group_name_H-M   'P 65'
#
_entity_poly.entity_id   1
_entity_poly.type   'polypeptide(L)'
_entity_poly.pdbx_seq_one_letter_code
;GSMTVLQEPVQAAIWQALNHYAYRDAVFLAERLYAEVHSEEALFLLATCYYRSGKAYKAYRLLKGHSCTTPQCKYLLAKC
CVDLSKLAEGEQILSGGVFNKQKSHDDIVTEFGDSACFTLSLLGHVYCKTDRLAKGSECYQKSLSLNPFLWSPFESLCEI
GEKPDPDQTFKFTSLQNFSNCLPQIQAFNLQKAAAEGLMSLLREMGKGYLALCSYNCKEAINILSHLPSHHYNTGWVLCQ
IGRAYFELSEYMQAERIFSEVRRIENYRVEGMEIYSTTLWHLQKDVALSVLSKDLTDMDKNSPEAWCAAGNCFSLQREHD
IAIKFFQRAIQVDPNYAYAYTLLGHEFVLTEELDKALACFRNAIRVNPRHYNAWYGLGMIYYKQEKFSLAEMHFQKALDI
NPQSSVLLCHIGVVQHALKKSEKALDTLNKAIVIDPKNPLCKFHRASVLFANEKYKSALQELEELKQIVPKESLVYFLIG
KVYKKLGQTHLALMNFSWAMDLDPKGANNQIKEAIDKRYLPDDEEPITQEEQIMGTDESQESSMTDADDTQLHAAESDEF
;
_entity_poly.pdbx_strand_id   A,B
#
# COMPACT_ATOMS: atom_id res chain seq x y z
N GLN A 7 -11.10 -18.41 25.16
CA GLN A 7 -11.11 -18.86 23.77
C GLN A 7 -11.98 -17.92 22.90
N GLU A 8 -13.29 -18.17 22.93
CA GLU A 8 -14.38 -17.24 22.60
C GLU A 8 -14.18 -15.74 22.86
N PRO A 9 -13.74 -15.35 24.08
CA PRO A 9 -13.60 -13.90 24.17
C PRO A 9 -12.29 -13.43 23.59
N VAL A 10 -11.32 -14.33 23.48
CA VAL A 10 -10.05 -13.96 22.93
C VAL A 10 -10.27 -13.46 21.49
N GLN A 11 -10.88 -14.27 20.64
CA GLN A 11 -11.11 -13.96 19.22
C GLN A 11 -12.32 -12.99 18.99
N ALA A 12 -13.12 -12.74 20.03
CA ALA A 12 -14.05 -11.61 19.99
C ALA A 12 -13.25 -10.29 19.99
N ALA A 13 -12.31 -10.22 20.93
CA ALA A 13 -11.37 -9.12 21.19
C ALA A 13 -10.37 -8.77 20.04
N ILE A 14 -9.98 -9.78 19.26
CA ILE A 14 -9.11 -9.63 18.10
C ILE A 14 -9.85 -8.78 17.12
N TRP A 15 -11.07 -9.17 16.80
CA TRP A 15 -11.85 -8.48 15.79
C TRP A 15 -12.14 -7.06 16.22
N GLN A 16 -12.24 -6.82 17.53
CA GLN A 16 -12.42 -5.46 18.01
C GLN A 16 -11.17 -4.65 17.62
N ALA A 17 -9.99 -5.22 17.84
CA ALA A 17 -8.74 -4.58 17.43
C ALA A 17 -8.69 -4.32 15.93
N LEU A 18 -9.19 -5.25 15.12
CA LEU A 18 -9.17 -5.11 13.67
C LEU A 18 -10.10 -4.02 13.14
N ASN A 19 -11.28 -3.89 13.73
CA ASN A 19 -12.22 -2.85 13.31
C ASN A 19 -11.77 -1.47 13.77
N HIS A 20 -10.83 -1.45 14.71
CA HIS A 20 -10.16 -0.20 15.08
C HIS A 20 -8.80 -0.08 14.40
N TYR A 21 -8.45 -1.09 13.60
CA TYR A 21 -7.21 -1.12 12.84
C TYR A 21 -5.96 -1.17 13.71
N ALA A 22 -6.09 -1.76 14.90
CA ALA A 22 -4.94 -2.02 15.75
C ALA A 22 -4.34 -3.35 15.35
N TYR A 23 -3.67 -3.38 14.21
CA TYR A 23 -3.25 -4.65 13.61
C TYR A 23 -2.21 -5.42 14.40
N ARG A 24 -1.16 -4.75 14.88
CA ARG A 24 -0.15 -5.42 15.68
C ARG A 24 -0.70 -6.10 16.94
N ASP A 25 -1.72 -5.48 17.54
CA ASP A 25 -2.35 -6.05 18.72
C ASP A 25 -3.20 -7.27 18.37
N ALA A 26 -3.94 -7.18 17.27
CA ALA A 26 -4.76 -8.28 16.78
C ALA A 26 -3.92 -9.48 16.36
N VAL A 27 -2.93 -9.22 15.51
CA VAL A 27 -2.02 -10.26 15.00
C VAL A 27 -1.31 -11.04 16.11
N PHE A 28 -0.93 -10.35 17.18
CA PHE A 28 -0.26 -10.99 18.30
C PHE A 28 -1.18 -12.01 18.97
N LEU A 29 -2.39 -11.59 19.30
CA LEU A 29 -3.38 -12.48 19.91
C LEU A 29 -3.67 -13.66 19.00
N ALA A 30 -3.90 -13.38 17.72
CA ALA A 30 -4.16 -14.41 16.73
C ALA A 30 -3.04 -15.46 16.69
N GLU A 31 -1.79 -15.00 16.68
CA GLU A 31 -0.66 -15.92 16.70
C GLU A 31 -0.69 -16.85 17.92
N ARG A 32 -1.04 -16.31 19.08
CA ARG A 32 -1.05 -17.13 20.29
C ARG A 32 -2.27 -18.04 20.31
N LEU A 33 -3.37 -17.56 19.75
CA LEU A 33 -4.61 -18.32 19.74
C LEU A 33 -4.44 -19.54 18.86
N TYR A 34 -4.01 -19.33 17.62
CA TYR A 34 -3.77 -20.43 16.71
C TYR A 34 -2.74 -21.43 17.25
N ALA A 35 -1.74 -20.93 17.97
CA ALA A 35 -0.71 -21.80 18.52
C ALA A 35 -1.25 -22.68 19.65
N GLU A 36 -2.17 -22.14 20.44
CA GLU A 36 -2.75 -22.90 21.55
C GLU A 36 -3.69 -23.94 20.92
N VAL A 37 -4.74 -23.46 20.26
CA VAL A 37 -5.68 -24.33 19.55
C VAL A 37 -5.49 -24.19 18.04
N HIS A 38 -5.25 -25.30 17.36
CA HIS A 38 -4.89 -25.27 15.94
C HIS A 38 -6.08 -25.24 15.00
N SER A 39 -7.23 -24.76 15.47
CA SER A 39 -8.48 -24.84 14.72
C SER A 39 -8.40 -24.16 13.35
N GLU A 40 -9.30 -24.56 12.44
CA GLU A 40 -9.41 -23.92 11.13
C GLU A 40 -9.96 -22.51 11.22
N GLU A 41 -10.67 -22.22 12.31
CA GLU A 41 -11.29 -20.91 12.48
C GLU A 41 -10.26 -19.91 13.01
N ALA A 42 -9.40 -20.38 13.92
CA ALA A 42 -8.35 -19.54 14.46
C ALA A 42 -7.30 -19.32 13.39
N LEU A 43 -7.06 -20.34 12.57
CA LEU A 43 -6.15 -20.24 11.43
C LEU A 43 -6.62 -19.14 10.49
N PHE A 44 -7.89 -19.22 10.12
CA PHE A 44 -8.52 -18.22 9.27
C PHE A 44 -8.37 -16.82 9.85
N LEU A 45 -8.67 -16.67 11.13
CA LEU A 45 -8.58 -15.37 11.79
C LEU A 45 -7.17 -14.78 11.71
N LEU A 46 -6.16 -15.61 11.99
CA LEU A 46 -4.77 -15.19 11.85
C LEU A 46 -4.44 -14.74 10.42
N ALA A 47 -4.76 -15.59 9.46
CA ALA A 47 -4.54 -15.27 8.04
C ALA A 47 -5.29 -14.00 7.67
N THR A 48 -6.49 -13.87 8.23
CA THR A 48 -7.29 -12.66 8.07
C THR A 48 -6.49 -11.47 8.56
N CYS A 49 -5.95 -11.58 9.78
CA CYS A 49 -5.18 -10.51 10.39
C CYS A 49 -3.96 -10.14 9.55
N TYR A 50 -3.19 -11.13 9.12
CA TYR A 50 -2.06 -10.88 8.23
C TYR A 50 -2.48 -10.13 6.96
N TYR A 51 -3.63 -10.50 6.40
CA TYR A 51 -4.10 -9.87 5.17
C TYR A 51 -4.54 -8.42 5.30
N ARG A 52 -5.24 -8.11 6.39
CA ARG A 52 -5.72 -6.76 6.57
C ARG A 52 -4.64 -5.82 7.08
N SER A 53 -3.61 -6.39 7.68
CA SER A 53 -2.41 -5.67 8.07
C SER A 53 -1.60 -5.19 6.85
N GLY A 54 -2.07 -5.56 5.66
CA GLY A 54 -1.46 -5.10 4.43
C GLY A 54 -0.36 -5.99 3.88
N LYS A 55 -0.28 -7.21 4.40
CA LYS A 55 0.77 -8.14 3.99
C LYS A 55 0.15 -9.44 3.51
N ALA A 56 -0.41 -9.41 2.31
CA ALA A 56 -1.02 -10.60 1.68
C ALA A 56 -0.07 -11.79 1.63
N TYR A 57 1.17 -11.55 1.21
CA TYR A 57 2.18 -12.60 1.06
C TYR A 57 2.27 -13.48 2.29
N LYS A 58 2.09 -12.88 3.46
CA LYS A 58 2.16 -13.61 4.71
C LYS A 58 0.96 -14.54 4.82
N ALA A 59 -0.22 -14.01 4.54
CA ALA A 59 -1.43 -14.81 4.55
C ALA A 59 -1.35 -15.97 3.56
N TYR A 60 -0.77 -15.72 2.38
CA TYR A 60 -0.58 -16.78 1.39
C TYR A 60 0.24 -17.97 1.90
N ARG A 61 1.44 -17.72 2.45
CA ARG A 61 2.30 -18.83 2.86
C ARG A 61 1.71 -19.53 4.06
N LEU A 62 1.11 -18.76 4.96
CA LEU A 62 0.48 -19.32 6.15
C LEU A 62 -0.62 -20.31 5.78
N LEU A 63 -1.64 -19.85 5.05
CA LEU A 63 -2.75 -20.71 4.66
C LEU A 63 -2.29 -21.91 3.81
N LYS A 64 -1.39 -21.63 2.88
CA LYS A 64 -0.84 -22.62 1.95
C LYS A 64 -0.03 -23.75 2.58
N GLY A 65 0.77 -23.44 3.58
CA GLY A 65 1.72 -24.40 4.12
C GLY A 65 1.16 -25.61 4.84
N HIS A 66 0.04 -25.46 5.53
CA HIS A 66 -0.68 -26.62 6.04
C HIS A 66 -2.13 -26.37 5.64
N SER A 67 -2.57 -27.14 4.65
CA SER A 67 -3.71 -26.79 3.81
C SER A 67 -5.07 -26.92 4.48
N CYS A 68 -5.84 -25.83 4.45
CA CYS A 68 -7.20 -25.83 4.97
C CYS A 68 -8.16 -25.77 3.78
N THR A 69 -9.28 -26.48 3.91
CA THR A 69 -10.25 -26.62 2.84
C THR A 69 -11.57 -25.89 3.09
N THR A 70 -11.66 -25.21 4.23
CA THR A 70 -12.91 -24.53 4.59
C THR A 70 -13.14 -23.32 3.69
N PRO A 71 -14.42 -23.02 3.39
CA PRO A 71 -14.81 -21.92 2.50
C PRO A 71 -14.20 -20.58 2.88
N GLN A 72 -14.12 -20.32 4.19
CA GLN A 72 -13.55 -19.07 4.68
C GLN A 72 -12.06 -18.94 4.39
N CYS A 73 -11.33 -20.05 4.50
CA CYS A 73 -9.93 -20.08 4.12
C CYS A 73 -9.73 -20.06 2.61
N LYS A 74 -10.55 -20.83 1.89
CA LYS A 74 -10.47 -20.89 0.44
C LYS A 74 -10.71 -19.55 -0.27
N TYR A 75 -11.72 -18.82 0.17
CA TYR A 75 -11.97 -17.49 -0.38
C TYR A 75 -10.76 -16.59 -0.20
N LEU A 76 -10.27 -16.57 1.04
CA LEU A 76 -9.16 -15.71 1.43
C LEU A 76 -7.86 -16.09 0.73
N LEU A 77 -7.56 -17.38 0.70
CA LEU A 77 -6.38 -17.85 0.01
C LEU A 77 -6.41 -17.48 -1.46
N ALA A 78 -7.58 -17.60 -2.09
CA ALA A 78 -7.72 -17.18 -3.48
C ALA A 78 -7.51 -15.67 -3.68
N LYS A 79 -8.06 -14.87 -2.77
CA LYS A 79 -7.91 -13.42 -2.82
C LYS A 79 -6.48 -12.92 -2.66
N CYS A 80 -5.71 -13.53 -1.75
CA CYS A 80 -4.30 -13.18 -1.60
C CYS A 80 -3.53 -13.46 -2.87
N CYS A 81 -3.90 -14.54 -3.53
CA CYS A 81 -3.33 -14.97 -4.79
C CYS A 81 -3.58 -13.94 -5.87
N VAL A 82 -4.84 -13.50 -5.98
CA VAL A 82 -5.24 -12.51 -6.96
C VAL A 82 -4.44 -11.23 -6.74
N ASP A 83 -4.32 -10.82 -5.48
CA ASP A 83 -3.52 -9.64 -5.11
C ASP A 83 -2.07 -9.77 -5.60
N LEU A 84 -1.52 -10.98 -5.49
CA LEU A 84 -0.17 -11.31 -5.91
C LEU A 84 -0.03 -11.77 -7.37
N SER A 85 -1.08 -11.58 -8.14
CA SER A 85 -1.17 -12.08 -9.52
C SER A 85 -0.87 -13.56 -9.71
N LYS A 86 -1.36 -14.41 -8.81
CA LYS A 86 -1.29 -15.84 -9.03
C LYS A 86 -2.64 -16.34 -9.56
N LEU A 87 -3.06 -15.77 -10.69
CA LEU A 87 -4.43 -15.93 -11.20
C LEU A 87 -4.85 -17.35 -11.60
N ALA A 88 -3.92 -18.10 -12.19
CA ALA A 88 -4.16 -19.47 -12.62
C ALA A 88 -4.43 -20.37 -11.42
N GLU A 89 -3.68 -20.12 -10.37
CA GLU A 89 -3.81 -20.82 -9.10
C GLU A 89 -5.15 -20.42 -8.46
N GLY A 90 -5.36 -19.12 -8.35
CA GLY A 90 -6.59 -18.55 -7.81
C GLY A 90 -7.84 -19.23 -8.34
N GLU A 91 -7.86 -19.51 -9.63
CA GLU A 91 -8.96 -20.27 -10.23
C GLU A 91 -9.09 -21.64 -9.57
N GLN A 92 -8.01 -22.40 -9.57
CA GLN A 92 -7.99 -23.76 -9.03
C GLN A 92 -8.49 -23.90 -7.59
N ILE A 93 -8.25 -22.91 -6.75
CA ILE A 93 -8.77 -23.02 -5.38
C ILE A 93 -10.27 -22.97 -5.46
N LEU A 94 -10.78 -21.96 -6.15
CA LEU A 94 -12.21 -21.78 -6.22
C LEU A 94 -12.90 -22.76 -7.17
N SER A 95 -12.47 -22.75 -8.43
CA SER A 95 -13.16 -23.58 -9.40
C SER A 95 -12.92 -25.09 -9.27
N GLY A 96 -11.70 -25.48 -8.97
CA GLY A 96 -11.38 -26.90 -9.04
C GLY A 96 -11.19 -27.02 -10.53
N GLY A 97 -10.74 -25.92 -11.12
CA GLY A 97 -11.04 -25.65 -12.50
C GLY A 97 -10.46 -26.60 -13.52
N VAL A 98 -9.14 -26.63 -13.54
CA VAL A 98 -8.42 -27.09 -14.69
C VAL A 98 -7.79 -28.47 -14.51
N PHE A 99 -7.51 -28.85 -13.27
CA PHE A 99 -6.91 -30.16 -13.06
C PHE A 99 -7.97 -31.25 -13.15
N ASN A 100 -8.72 -31.38 -12.06
CA ASN A 100 -9.98 -32.10 -12.01
C ASN A 100 -11.10 -31.34 -12.73
N LYS A 101 -12.26 -32.00 -12.86
CA LYS A 101 -13.43 -31.34 -13.45
C LYS A 101 -13.75 -30.06 -12.70
N GLN A 102 -13.98 -29.03 -13.49
CA GLN A 102 -14.51 -27.73 -13.10
C GLN A 102 -15.86 -27.78 -12.41
N LYS A 103 -15.89 -27.28 -11.18
CA LYS A 103 -17.04 -27.41 -10.31
C LYS A 103 -17.99 -26.37 -10.86
N SER A 104 -19.28 -26.72 -10.84
CA SER A 104 -20.33 -25.81 -11.26
C SER A 104 -20.68 -24.74 -10.25
N HIS A 105 -21.26 -23.67 -10.79
CA HIS A 105 -21.85 -22.60 -10.03
C HIS A 105 -22.81 -23.14 -8.97
N ASP A 106 -23.57 -24.18 -9.28
CA ASP A 106 -24.45 -24.72 -8.26
C ASP A 106 -23.62 -25.37 -7.16
N ASP A 107 -22.53 -26.03 -7.53
CA ASP A 107 -21.57 -26.53 -6.55
C ASP A 107 -20.96 -25.39 -5.74
N ILE A 108 -20.46 -24.39 -6.45
CA ILE A 108 -19.83 -23.21 -5.85
C ILE A 108 -20.70 -22.52 -4.81
N VAL A 109 -21.97 -22.32 -5.16
CA VAL A 109 -22.93 -21.73 -4.23
C VAL A 109 -23.11 -22.61 -3.00
N THR A 110 -23.20 -23.91 -3.21
CA THR A 110 -23.35 -24.86 -2.11
C THR A 110 -22.15 -24.78 -1.17
N GLU A 111 -20.95 -24.70 -1.74
CA GLU A 111 -19.72 -24.68 -0.97
C GLU A 111 -19.68 -23.38 -0.16
N PHE A 112 -19.78 -22.24 -0.84
CA PHE A 112 -19.55 -20.96 -0.21
C PHE A 112 -20.82 -20.36 0.41
N GLY A 113 -21.97 -20.65 -0.19
CA GLY A 113 -23.24 -20.28 0.42
C GLY A 113 -23.39 -18.78 0.25
N ASP A 114 -23.28 -18.07 1.36
CA ASP A 114 -23.41 -16.61 1.39
C ASP A 114 -22.21 -15.90 0.78
N SER A 115 -21.07 -16.60 0.70
CA SER A 115 -19.88 -16.03 0.08
C SER A 115 -19.86 -16.22 -1.41
N ALA A 116 -20.77 -17.06 -1.92
CA ALA A 116 -20.84 -17.37 -3.35
C ALA A 116 -20.75 -16.10 -4.20
N CYS A 117 -21.45 -15.06 -3.78
CA CYS A 117 -21.46 -13.79 -4.49
C CYS A 117 -20.09 -13.11 -4.67
N PHE A 118 -19.21 -13.18 -3.67
CA PHE A 118 -17.89 -12.52 -3.79
C PHE A 118 -16.89 -13.33 -4.60
N THR A 119 -16.94 -14.64 -4.42
CA THR A 119 -16.10 -15.57 -5.16
C THR A 119 -16.43 -15.69 -6.63
N LEU A 120 -17.71 -15.55 -6.97
CA LEU A 120 -18.11 -15.57 -8.35
C LEU A 120 -17.61 -14.25 -8.93
N SER A 121 -17.75 -13.18 -8.14
CA SER A 121 -17.14 -11.92 -8.49
C SER A 121 -15.63 -12.11 -8.67
N LEU A 122 -15.02 -12.84 -7.73
CA LEU A 122 -13.57 -13.08 -7.79
C LEU A 122 -13.21 -13.94 -9.00
N LEU A 123 -13.89 -15.07 -9.12
CA LEU A 123 -13.78 -15.94 -10.30
C LEU A 123 -14.08 -15.22 -11.61
N GLY A 124 -15.08 -14.35 -11.58
CA GLY A 124 -15.37 -13.48 -12.71
C GLY A 124 -14.16 -12.68 -13.16
N HIS A 125 -13.59 -11.93 -12.23
CA HIS A 125 -12.45 -11.05 -12.48
C HIS A 125 -11.26 -11.76 -13.14
N VAL A 126 -10.88 -12.92 -12.62
CA VAL A 126 -9.75 -13.68 -13.15
C VAL A 126 -10.03 -14.27 -14.53
N TYR A 127 -11.22 -14.84 -14.73
CA TYR A 127 -11.60 -15.35 -16.04
C TYR A 127 -11.49 -14.24 -17.09
N CYS A 128 -11.91 -13.04 -16.73
CA CYS A 128 -11.83 -11.90 -17.65
C CYS A 128 -10.39 -11.46 -17.89
N LYS A 129 -9.61 -11.36 -16.82
CA LYS A 129 -8.22 -10.93 -16.93
C LYS A 129 -7.32 -12.03 -17.50
N THR A 130 -7.85 -13.24 -17.60
CA THR A 130 -7.16 -14.33 -18.28
C THR A 130 -7.86 -14.75 -19.58
N ASP A 131 -8.45 -13.79 -20.28
CA ASP A 131 -8.85 -13.98 -21.68
C ASP A 131 -10.02 -14.93 -21.85
N ARG A 132 -10.97 -14.89 -20.91
CA ARG A 132 -12.11 -15.79 -20.99
C ARG A 132 -13.38 -15.05 -20.58
N LEU A 133 -13.63 -13.94 -21.28
CA LEU A 133 -14.78 -13.07 -21.01
C LEU A 133 -16.08 -13.86 -20.98
N ALA A 134 -16.16 -14.89 -21.81
CA ALA A 134 -17.29 -15.81 -21.84
C ALA A 134 -17.58 -16.35 -20.44
N LYS A 135 -16.61 -17.03 -19.86
CA LYS A 135 -16.76 -17.63 -18.55
C LYS A 135 -16.91 -16.57 -17.45
N GLY A 136 -16.17 -15.48 -17.61
CA GLY A 136 -16.21 -14.38 -16.67
C GLY A 136 -17.53 -13.63 -16.58
N SER A 137 -18.19 -13.44 -17.72
CA SER A 137 -19.50 -12.79 -17.75
C SER A 137 -20.55 -13.67 -17.08
N GLU A 138 -20.51 -14.96 -17.37
CA GLU A 138 -21.41 -15.92 -16.75
C GLU A 138 -21.30 -15.87 -15.22
N CYS A 139 -20.09 -15.70 -14.72
CA CYS A 139 -19.85 -15.61 -13.28
C CYS A 139 -20.45 -14.34 -12.68
N TYR A 140 -20.17 -13.20 -13.29
CA TYR A 140 -20.71 -11.91 -12.86
C TYR A 140 -22.23 -11.94 -12.78
N GLN A 141 -22.83 -12.46 -13.85
CA GLN A 141 -24.28 -12.59 -13.91
C GLN A 141 -24.79 -13.43 -12.76
N LYS A 142 -24.19 -14.61 -12.56
CA LYS A 142 -24.61 -15.48 -11.46
C LYS A 142 -24.43 -14.79 -10.10
N SER A 143 -23.35 -14.03 -9.96
CA SER A 143 -23.09 -13.28 -8.73
C SER A 143 -24.22 -12.30 -8.40
N LEU A 144 -24.63 -11.53 -9.42
CA LEU A 144 -25.69 -10.55 -9.26
C LEU A 144 -27.00 -11.21 -8.91
N SER A 145 -27.20 -12.42 -9.42
CA SER A 145 -28.36 -13.23 -9.07
C SER A 145 -28.36 -13.53 -7.58
N LEU A 146 -27.19 -13.86 -7.04
CA LEU A 146 -27.06 -14.21 -5.64
C LEU A 146 -27.10 -12.96 -4.75
N ASN A 147 -26.63 -11.84 -5.30
CA ASN A 147 -26.55 -10.62 -4.52
C ASN A 147 -26.71 -9.40 -5.44
N PRO A 148 -27.86 -8.72 -5.35
CA PRO A 148 -28.13 -7.58 -6.21
C PRO A 148 -27.54 -6.27 -5.70
N PHE A 149 -27.03 -6.27 -4.46
CA PHE A 149 -26.41 -5.07 -3.91
C PHE A 149 -25.01 -4.83 -4.44
N LEU A 150 -24.48 -5.79 -5.19
CA LEU A 150 -23.12 -5.68 -5.72
C LEU A 150 -23.12 -4.89 -7.02
N TRP A 151 -22.58 -3.67 -6.98
CA TRP A 151 -22.47 -2.85 -8.18
C TRP A 151 -21.34 -3.30 -9.11
N SER A 152 -20.25 -3.81 -8.54
CA SER A 152 -19.02 -4.10 -9.31
C SER A 152 -19.23 -5.14 -10.43
N PRO A 153 -19.89 -6.29 -10.12
CA PRO A 153 -20.15 -7.27 -11.19
C PRO A 153 -20.90 -6.62 -12.34
N PHE A 154 -21.95 -5.87 -12.01
CA PHE A 154 -22.75 -5.18 -13.01
C PHE A 154 -21.85 -4.23 -13.80
N GLU A 155 -21.01 -3.47 -13.09
CA GLU A 155 -20.15 -2.49 -13.73
C GLU A 155 -19.10 -3.12 -14.65
N SER A 156 -18.63 -4.31 -14.29
CA SER A 156 -17.74 -5.07 -15.17
C SER A 156 -18.40 -5.56 -16.47
N LEU A 157 -19.62 -6.08 -16.34
CA LEU A 157 -20.39 -6.55 -17.49
C LEU A 157 -20.66 -5.50 -18.56
N CYS A 158 -20.99 -4.28 -18.13
CA CYS A 158 -21.17 -3.18 -19.06
C CYS A 158 -19.88 -2.85 -19.81
N GLU A 159 -18.77 -2.79 -19.08
CA GLU A 159 -17.48 -2.45 -19.68
C GLU A 159 -16.98 -3.49 -20.70
N ILE A 160 -17.37 -4.75 -20.51
CA ILE A 160 -16.96 -5.80 -21.43
C ILE A 160 -17.64 -5.66 -22.80
N GLY A 161 -18.87 -5.18 -22.81
CA GLY A 161 -19.68 -5.17 -24.02
C GLY A 161 -20.94 -5.99 -23.87
N GLU A 162 -21.01 -6.76 -22.79
CA GLU A 162 -22.25 -7.43 -22.39
C GLU A 162 -23.32 -6.38 -22.07
N LYS A 163 -24.57 -6.74 -22.34
CA LYS A 163 -25.69 -5.86 -22.02
C LYS A 163 -26.67 -6.52 -21.06
N PRO A 164 -26.36 -6.48 -19.76
CA PRO A 164 -27.29 -7.03 -18.78
C PRO A 164 -28.53 -6.15 -18.61
N ASP A 165 -29.61 -6.73 -18.12
CA ASP A 165 -30.91 -6.08 -18.01
C ASP A 165 -31.17 -5.51 -16.61
N PRO A 166 -30.94 -4.20 -16.42
CA PRO A 166 -31.03 -3.53 -15.12
C PRO A 166 -32.28 -3.92 -14.34
N ASP A 167 -33.42 -4.02 -15.02
CA ASP A 167 -34.68 -4.33 -14.38
C ASP A 167 -34.70 -5.76 -13.85
N GLN A 168 -33.95 -6.66 -14.48
CA GLN A 168 -33.84 -8.02 -14.00
C GLN A 168 -32.64 -8.25 -13.09
N THR A 169 -31.56 -7.52 -13.32
CA THR A 169 -30.37 -7.60 -12.49
C THR A 169 -30.53 -7.15 -11.03
N PHE A 170 -31.16 -6.00 -10.82
CA PHE A 170 -31.39 -5.52 -9.46
C PHE A 170 -32.84 -5.71 -9.03
N LYS A 171 -33.13 -6.85 -8.41
CA LYS A 171 -34.44 -7.05 -7.82
C LYS A 171 -34.43 -8.13 -6.73
N PHE A 172 -34.63 -7.70 -5.50
CA PHE A 172 -34.57 -8.57 -4.32
C PHE A 172 -35.55 -9.75 -4.42
N THR A 173 -35.05 -10.98 -4.26
CA THR A 173 -35.89 -12.15 -4.50
C THR A 173 -35.61 -13.22 -3.46
N LYS A 192 -39.69 -2.99 7.49
CA LYS A 192 -39.70 -2.17 6.29
C LYS A 192 -38.85 -2.78 5.18
N ALA A 193 -39.24 -2.53 3.93
CA ALA A 193 -38.52 -3.08 2.78
C ALA A 193 -37.64 -2.01 2.13
N ALA A 194 -36.46 -1.83 2.72
CA ALA A 194 -35.43 -0.88 2.27
C ALA A 194 -34.76 -1.16 0.93
N ALA A 195 -34.53 -2.43 0.60
CA ALA A 195 -33.98 -2.80 -0.70
C ALA A 195 -34.72 -2.15 -1.86
N GLU A 196 -36.03 -2.42 -1.97
CA GLU A 196 -36.88 -1.89 -3.04
C GLU A 196 -36.44 -0.49 -3.46
N GLY A 197 -36.23 0.36 -2.45
CA GLY A 197 -35.79 1.73 -2.62
C GLY A 197 -34.39 1.87 -3.17
N LEU A 198 -33.42 1.17 -2.59
CA LEU A 198 -32.05 1.22 -3.08
C LEU A 198 -31.93 0.70 -4.50
N MET A 199 -32.71 -0.34 -4.82
CA MET A 199 -32.64 -0.96 -6.12
C MET A 199 -33.19 -0.04 -7.22
N SER A 200 -34.15 0.79 -6.85
CA SER A 200 -34.74 1.77 -7.76
C SER A 200 -33.70 2.76 -8.26
N LEU A 201 -32.88 3.28 -7.35
CA LEU A 201 -31.81 4.20 -7.72
C LEU A 201 -30.88 3.43 -8.64
N LEU A 202 -30.46 2.27 -8.16
CA LEU A 202 -29.54 1.37 -8.85
C LEU A 202 -30.04 1.00 -10.25
N ARG A 203 -31.35 0.87 -10.40
CA ARG A 203 -31.96 0.56 -11.69
C ARG A 203 -31.74 1.67 -12.72
N GLU A 204 -32.10 2.90 -12.37
CA GLU A 204 -31.97 4.01 -13.30
C GLU A 204 -30.50 4.32 -13.55
N MET A 205 -29.69 4.12 -12.52
CA MET A 205 -28.24 4.24 -12.62
C MET A 205 -27.64 3.16 -13.50
N GLY A 206 -28.09 1.92 -13.31
CA GLY A 206 -27.60 0.81 -14.11
C GLY A 206 -27.92 1.05 -15.58
N LYS A 207 -29.18 1.38 -15.83
CA LYS A 207 -29.67 1.74 -17.15
C LYS A 207 -28.85 2.86 -17.79
N GLY A 208 -28.41 3.81 -16.96
CA GLY A 208 -27.59 4.92 -17.41
C GLY A 208 -26.13 4.63 -17.66
N TYR A 209 -25.50 3.80 -16.83
CA TYR A 209 -24.09 3.49 -17.03
C TYR A 209 -23.84 2.57 -18.21
N LEU A 210 -24.74 1.62 -18.42
CA LEU A 210 -24.73 0.84 -19.65
C LEU A 210 -24.92 1.79 -20.83
N ALA A 211 -25.87 2.71 -20.67
CA ALA A 211 -26.18 3.73 -21.68
C ALA A 211 -24.99 4.62 -21.99
N LEU A 212 -24.04 4.70 -21.06
CA LEU A 212 -22.81 5.45 -21.29
C LEU A 212 -21.76 4.56 -21.95
N CYS A 213 -21.65 3.32 -21.48
CA CYS A 213 -20.67 2.36 -21.98
C CYS A 213 -20.89 1.99 -23.46
N SER A 214 -22.13 1.65 -23.80
CA SER A 214 -22.56 1.73 -25.19
C SER A 214 -22.92 3.18 -25.40
N TYR A 215 -22.38 3.81 -26.44
CA TYR A 215 -22.20 5.26 -26.44
C TYR A 215 -23.45 6.08 -26.74
N ASN A 216 -24.52 5.74 -26.03
CA ASN A 216 -25.77 6.49 -26.10
C ASN A 216 -25.68 7.67 -25.14
N CYS A 217 -24.79 8.61 -25.46
CA CYS A 217 -24.39 9.69 -24.56
C CYS A 217 -25.54 10.62 -24.18
N LYS A 218 -26.38 10.95 -25.15
CA LYS A 218 -27.56 11.77 -24.88
C LYS A 218 -28.52 11.05 -23.95
N GLU A 219 -28.70 9.74 -24.17
CA GLU A 219 -29.55 8.95 -23.30
C GLU A 219 -29.03 8.93 -21.86
N ALA A 220 -27.73 8.69 -21.71
CA ALA A 220 -27.12 8.55 -20.38
C ALA A 220 -27.27 9.80 -19.51
N ILE A 221 -27.13 10.97 -20.12
CA ILE A 221 -27.34 12.22 -19.40
C ILE A 221 -28.81 12.36 -19.06
N ASN A 222 -29.67 11.99 -20.03
CA ASN A 222 -31.11 12.03 -19.82
C ASN A 222 -31.55 11.15 -18.66
N ILE A 223 -30.99 9.95 -18.56
CA ILE A 223 -31.36 9.04 -17.48
C ILE A 223 -30.84 9.57 -16.16
N LEU A 224 -29.54 9.90 -16.14
CA LEU A 224 -28.89 10.36 -14.92
C LEU A 224 -29.45 11.67 -14.39
N SER A 225 -29.74 12.61 -15.29
CA SER A 225 -30.28 13.90 -14.88
C SER A 225 -31.67 13.77 -14.25
N HIS A 226 -32.45 12.80 -14.73
CA HIS A 226 -33.76 12.53 -14.14
C HIS A 226 -33.69 11.92 -12.74
N LEU A 227 -32.51 11.43 -12.35
CA LEU A 227 -32.31 10.87 -11.01
C LEU A 227 -32.50 11.95 -9.93
N PRO A 228 -32.99 11.57 -8.74
CA PRO A 228 -33.30 12.56 -7.69
C PRO A 228 -32.08 13.36 -7.26
N SER A 229 -32.28 14.65 -6.93
CA SER A 229 -31.18 15.60 -6.80
C SER A 229 -30.10 15.30 -5.75
N HIS A 230 -30.47 14.61 -4.67
CA HIS A 230 -29.48 14.15 -3.68
C HIS A 230 -28.53 13.14 -4.31
N HIS A 231 -29.08 12.27 -5.16
CA HIS A 231 -28.26 11.25 -5.82
C HIS A 231 -27.80 11.79 -7.15
N TYR A 232 -28.16 13.02 -7.44
CA TYR A 232 -27.63 13.68 -8.62
C TYR A 232 -26.30 14.36 -8.29
N ASN A 233 -26.22 14.97 -7.11
CA ASN A 233 -25.07 15.78 -6.73
C ASN A 233 -23.82 15.01 -6.29
N THR A 234 -24.00 13.77 -5.85
CA THR A 234 -22.90 12.81 -5.72
C THR A 234 -21.90 12.88 -6.87
N GLY A 235 -20.63 12.74 -6.53
CA GLY A 235 -19.57 12.87 -7.51
C GLY A 235 -19.48 11.73 -8.51
N TRP A 236 -20.05 10.57 -8.18
CA TRP A 236 -20.04 9.47 -9.15
C TRP A 236 -20.88 9.82 -10.36
N VAL A 237 -22.11 10.27 -10.11
CA VAL A 237 -23.04 10.59 -11.17
C VAL A 237 -22.43 11.67 -12.07
N LEU A 238 -22.10 12.80 -11.47
CA LEU A 238 -21.54 13.93 -12.21
C LEU A 238 -20.31 13.56 -13.02
N CYS A 239 -19.49 12.67 -12.47
CA CYS A 239 -18.34 12.09 -13.16
C CYS A 239 -18.70 11.34 -14.44
N GLN A 240 -19.78 10.56 -14.37
CA GLN A 240 -20.28 9.81 -15.53
C GLN A 240 -20.81 10.78 -16.57
N ILE A 241 -21.55 11.77 -16.10
CA ILE A 241 -22.09 12.82 -16.93
C ILE A 241 -20.94 13.59 -17.59
N GLY A 242 -19.86 13.80 -16.84
CA GLY A 242 -18.67 14.41 -17.38
C GLY A 242 -18.10 13.59 -18.52
N ARG A 243 -18.01 12.29 -18.32
CA ARG A 243 -17.58 11.38 -19.37
C ARG A 243 -18.52 11.46 -20.55
N ALA A 244 -19.82 11.56 -20.27
CA ALA A 244 -20.84 11.72 -21.29
C ALA A 244 -20.65 12.97 -22.16
N TYR A 245 -20.68 14.15 -21.54
CA TYR A 245 -20.46 15.40 -22.28
C TYR A 245 -19.13 15.39 -23.04
N PHE A 246 -18.14 14.72 -22.46
CA PHE A 246 -16.82 14.62 -23.06
C PHE A 246 -16.80 13.81 -24.36
N GLU A 247 -17.54 12.71 -24.37
CA GLU A 247 -17.57 11.81 -25.52
C GLU A 247 -18.29 12.48 -26.70
N LEU A 248 -19.36 13.20 -26.38
CA LEU A 248 -20.01 14.09 -27.33
C LEU A 248 -19.07 15.17 -27.86
N SER A 249 -18.10 15.55 -27.02
CA SER A 249 -17.04 16.53 -27.32
C SER A 249 -17.59 17.92 -27.11
N GLU A 250 -18.61 18.01 -26.27
CA GLU A 250 -19.02 19.27 -25.68
C GLU A 250 -18.10 19.57 -24.51
N TYR A 251 -16.94 20.14 -24.81
CA TYR A 251 -15.87 20.30 -23.84
C TYR A 251 -16.21 21.27 -22.71
N MET A 252 -16.87 22.37 -23.05
CA MET A 252 -17.22 23.38 -22.06
C MET A 252 -18.39 22.95 -21.16
N GLN A 253 -19.34 22.22 -21.74
CA GLN A 253 -20.43 21.68 -20.94
C GLN A 253 -19.90 20.59 -20.00
N ALA A 254 -18.87 19.90 -20.44
CA ALA A 254 -18.15 18.94 -19.62
C ALA A 254 -17.36 19.57 -18.47
N GLU A 255 -16.49 20.52 -18.79
CA GLU A 255 -15.68 21.15 -17.76
C GLU A 255 -16.48 21.85 -16.66
N ARG A 256 -17.72 22.23 -16.97
CA ARG A 256 -18.61 22.79 -15.96
C ARG A 256 -18.92 21.85 -14.79
N ILE A 257 -19.27 20.60 -15.09
CA ILE A 257 -19.65 19.67 -14.03
C ILE A 257 -18.46 18.85 -13.49
N PHE A 258 -17.30 18.99 -14.13
CA PHE A 258 -16.06 18.43 -13.58
C PHE A 258 -15.40 19.38 -12.58
N SER A 259 -15.53 20.67 -12.86
CA SER A 259 -15.16 21.69 -11.90
C SER A 259 -16.07 21.50 -10.68
N GLU A 260 -17.26 21.01 -10.96
CA GLU A 260 -18.29 20.74 -9.95
C GLU A 260 -18.00 19.56 -9.04
N VAL A 261 -17.72 18.40 -9.62
CA VAL A 261 -17.39 17.21 -8.85
C VAL A 261 -16.20 17.47 -7.94
N ARG A 262 -15.34 18.39 -8.36
CA ARG A 262 -14.21 18.78 -7.54
C ARG A 262 -14.57 19.65 -6.33
N ARG A 263 -15.42 20.67 -6.48
CA ARG A 263 -15.73 21.47 -5.29
C ARG A 263 -16.64 20.70 -4.34
N ILE A 264 -17.36 19.70 -4.86
CA ILE A 264 -18.28 18.93 -4.01
C ILE A 264 -17.64 17.73 -3.32
N GLU A 265 -16.62 17.12 -3.92
CA GLU A 265 -15.97 15.99 -3.28
C GLU A 265 -14.53 16.33 -2.89
N ASN A 266 -13.75 16.75 -3.89
CA ASN A 266 -12.38 17.25 -3.68
C ASN A 266 -11.38 16.17 -3.25
N TYR A 267 -11.90 14.99 -2.94
CA TYR A 267 -11.07 13.84 -2.63
C TYR A 267 -11.18 12.79 -3.74
N ARG A 268 -11.90 13.13 -4.81
CA ARG A 268 -12.13 12.21 -5.91
C ARG A 268 -11.12 12.36 -7.03
N VAL A 269 -10.49 11.24 -7.38
CA VAL A 269 -9.54 11.21 -8.49
C VAL A 269 -10.09 10.41 -9.67
N GLU A 270 -11.19 9.69 -9.45
CA GLU A 270 -11.60 8.64 -10.38
C GLU A 270 -12.10 9.20 -11.71
N GLY A 271 -12.81 10.33 -11.66
CA GLY A 271 -13.29 10.94 -12.89
C GLY A 271 -12.31 11.93 -13.47
N MET A 272 -11.33 12.31 -12.66
CA MET A 272 -10.47 13.46 -12.94
C MET A 272 -9.53 13.03 -14.04
N GLU A 273 -9.49 11.71 -14.22
CA GLU A 273 -8.93 11.06 -15.39
C GLU A 273 -9.22 11.72 -16.73
N ILE A 274 -10.49 11.87 -17.06
CA ILE A 274 -10.88 12.31 -18.39
C ILE A 274 -11.05 13.84 -18.45
N TYR A 275 -11.35 14.42 -17.30
CA TYR A 275 -11.32 15.86 -17.04
C TYR A 275 -9.97 16.48 -17.34
N SER A 276 -8.90 15.76 -17.05
CA SER A 276 -7.56 16.25 -17.34
C SER A 276 -7.44 16.50 -18.84
N THR A 277 -7.92 15.53 -19.62
CA THR A 277 -7.87 15.63 -21.08
C THR A 277 -8.87 16.64 -21.67
N THR A 278 -9.98 16.93 -21.00
CA THR A 278 -10.88 17.98 -21.48
C THR A 278 -10.19 19.32 -21.37
N LEU A 279 -9.62 19.60 -20.21
CA LEU A 279 -8.81 20.79 -19.99
C LEU A 279 -7.67 20.84 -21.00
N TRP A 280 -7.25 19.68 -21.47
CA TRP A 280 -6.22 19.59 -22.51
C TRP A 280 -6.67 20.13 -23.87
N HIS A 281 -7.86 19.72 -24.32
CA HIS A 281 -8.39 20.19 -25.60
C HIS A 281 -8.77 21.66 -25.62
N LEU A 282 -9.31 22.13 -24.50
CA LEU A 282 -9.65 23.54 -24.30
C LEU A 282 -8.43 24.45 -24.15
N GLN A 283 -7.29 23.83 -23.87
CA GLN A 283 -6.02 24.50 -23.74
C GLN A 283 -6.07 25.49 -22.58
N LYS A 284 -6.49 24.99 -21.42
CA LYS A 284 -6.51 25.80 -20.22
C LYS A 284 -5.32 25.38 -19.37
N ASP A 285 -4.22 26.10 -19.58
CA ASP A 285 -2.96 25.83 -18.91
C ASP A 285 -3.09 25.81 -17.38
N VAL A 286 -3.56 26.90 -16.77
CA VAL A 286 -3.57 27.02 -15.31
C VAL A 286 -4.43 25.95 -14.62
N ALA A 287 -5.59 25.65 -15.19
CA ALA A 287 -6.55 24.71 -14.61
C ALA A 287 -6.02 23.29 -14.58
N LEU A 288 -5.36 22.88 -15.66
CA LEU A 288 -4.81 21.55 -15.74
C LEU A 288 -3.57 21.46 -14.87
N SER A 289 -2.77 22.53 -14.86
CA SER A 289 -1.67 22.65 -13.91
C SER A 289 -2.15 22.49 -12.46
N VAL A 290 -3.21 23.22 -12.11
CA VAL A 290 -3.80 23.14 -10.78
C VAL A 290 -4.37 21.76 -10.46
N LEU A 291 -5.00 21.14 -11.45
CA LEU A 291 -5.55 19.81 -11.25
C LEU A 291 -4.45 18.78 -11.01
N SER A 292 -3.45 18.79 -11.89
CA SER A 292 -2.30 17.88 -11.76
C SER A 292 -1.64 18.01 -10.39
N LYS A 293 -1.44 19.25 -9.95
CA LYS A 293 -0.88 19.50 -8.63
C LYS A 293 -1.76 18.87 -7.57
N ASP A 294 -3.03 19.23 -7.57
CA ASP A 294 -3.98 18.74 -6.57
C ASP A 294 -4.13 17.21 -6.57
N LEU A 295 -4.01 16.60 -7.75
CA LEU A 295 -4.12 15.14 -7.87
C LEU A 295 -2.88 14.37 -7.46
N THR A 296 -1.71 14.85 -7.86
CA THR A 296 -0.45 14.23 -7.44
C THR A 296 -0.27 14.39 -5.94
N ASP A 297 -0.66 15.56 -5.43
CA ASP A 297 -0.61 15.84 -3.99
C ASP A 297 -1.44 14.85 -3.17
N MET A 298 -2.51 14.33 -3.77
CA MET A 298 -3.41 13.47 -3.01
C MET A 298 -2.99 12.01 -3.12
N ASP A 299 -2.77 11.54 -4.34
CA ASP A 299 -2.67 10.09 -4.58
C ASP A 299 -1.70 9.78 -5.72
N LYS A 300 -0.42 9.63 -5.39
CA LYS A 300 0.60 9.34 -6.39
C LYS A 300 0.61 7.86 -6.80
N ASN A 301 -0.22 7.05 -6.15
CA ASN A 301 -0.45 5.69 -6.62
C ASN A 301 -1.79 5.59 -7.32
N SER A 302 -2.05 6.58 -8.18
CA SER A 302 -3.27 6.63 -8.99
C SER A 302 -2.89 6.99 -10.40
N PRO A 303 -3.33 6.18 -11.37
CA PRO A 303 -2.98 6.47 -12.76
C PRO A 303 -3.67 7.75 -13.22
N GLU A 304 -4.83 8.05 -12.62
CA GLU A 304 -5.56 9.27 -12.94
C GLU A 304 -4.74 10.55 -12.71
N ALA A 305 -4.13 10.65 -11.53
CA ALA A 305 -3.32 11.82 -11.17
C ALA A 305 -2.14 12.01 -12.12
N TRP A 306 -1.53 10.88 -12.47
CA TRP A 306 -0.36 10.82 -13.36
C TRP A 306 -0.71 10.97 -14.82
N CYS A 307 -1.94 10.59 -15.17
CA CYS A 307 -2.43 10.85 -16.51
C CYS A 307 -2.58 12.36 -16.63
N ALA A 308 -3.16 12.95 -15.59
CA ALA A 308 -3.35 14.40 -15.51
C ALA A 308 -2.03 15.18 -15.55
N ALA A 309 -1.10 14.82 -14.68
CA ALA A 309 0.23 15.42 -14.69
C ALA A 309 0.87 15.31 -16.07
N GLY A 310 0.67 14.16 -16.71
CA GLY A 310 1.20 13.90 -18.03
C GLY A 310 0.81 14.89 -19.14
N ASN A 311 -0.49 15.04 -19.37
CA ASN A 311 -1.01 15.92 -20.42
C ASN A 311 -1.12 17.39 -20.01
N CYS A 312 -0.72 17.66 -18.78
CA CYS A 312 -0.44 19.03 -18.36
C CYS A 312 0.84 19.54 -19.10
N PHE A 313 1.79 18.66 -19.38
CA PHE A 313 3.04 19.00 -20.05
C PHE A 313 3.01 18.78 -21.56
N SER A 314 1.86 18.33 -22.03
CA SER A 314 1.53 18.18 -23.44
C SER A 314 0.89 19.51 -23.85
N LEU A 315 0.11 20.06 -22.92
CA LEU A 315 -0.43 21.38 -22.99
C LEU A 315 0.79 22.32 -23.23
N GLN A 316 1.69 22.44 -22.28
CA GLN A 316 3.01 23.03 -22.58
C GLN A 316 3.91 22.35 -23.69
N ARG A 317 3.43 21.22 -24.22
CA ARG A 317 3.95 20.63 -25.46
C ARG A 317 5.40 20.19 -25.44
N GLU A 318 5.78 19.67 -24.29
CA GLU A 318 7.12 19.17 -24.16
C GLU A 318 6.80 17.73 -23.96
N HIS A 319 7.52 16.92 -24.69
CA HIS A 319 7.12 15.56 -24.85
C HIS A 319 7.91 14.57 -24.06
N ASP A 320 9.15 14.94 -23.75
CA ASP A 320 9.99 14.12 -22.87
C ASP A 320 9.37 13.90 -21.49
N ILE A 321 8.82 14.97 -20.91
CA ILE A 321 8.36 14.95 -19.53
C ILE A 321 7.02 14.23 -19.35
N ALA A 322 6.14 14.44 -20.31
CA ALA A 322 4.83 13.81 -20.36
C ALA A 322 4.91 12.29 -20.50
N ILE A 323 5.83 11.82 -21.34
CA ILE A 323 6.07 10.40 -21.51
C ILE A 323 6.35 9.71 -20.18
N LYS A 324 7.25 10.29 -19.40
CA LYS A 324 7.62 9.77 -18.09
C LYS A 324 6.43 9.62 -17.12
N PHE A 325 5.59 10.63 -17.03
CA PHE A 325 4.38 10.54 -16.19
C PHE A 325 3.37 9.48 -16.62
N PHE A 326 3.11 9.42 -17.92
CA PHE A 326 2.16 8.46 -18.47
C PHE A 326 2.67 7.09 -18.11
N GLN A 327 3.98 6.99 -18.05
CA GLN A 327 4.63 5.77 -17.63
C GLN A 327 4.32 5.37 -16.20
N ARG A 328 4.35 6.34 -15.29
CA ARG A 328 4.00 6.06 -13.90
C ARG A 328 2.58 5.54 -13.78
N ALA A 329 1.68 6.05 -14.63
CA ALA A 329 0.31 5.56 -14.68
C ALA A 329 0.26 4.11 -15.11
N ILE A 330 1.18 3.71 -15.97
CA ILE A 330 1.27 2.33 -16.41
C ILE A 330 1.88 1.43 -15.34
N GLN A 331 2.88 1.93 -14.64
CA GLN A 331 3.51 1.16 -13.58
C GLN A 331 2.57 0.92 -12.39
N VAL A 332 1.89 1.97 -11.95
CA VAL A 332 0.95 1.85 -10.85
C VAL A 332 -0.34 1.11 -11.19
N ASP A 333 -0.65 0.97 -12.47
CA ASP A 333 -1.77 0.12 -12.88
C ASP A 333 -1.64 -0.25 -14.36
N PRO A 334 -1.07 -1.44 -14.64
CA PRO A 334 -0.87 -1.90 -16.02
C PRO A 334 -2.13 -2.50 -16.65
N ASN A 335 -3.22 -2.57 -15.90
CA ASN A 335 -4.50 -3.00 -16.45
C ASN A 335 -5.40 -1.80 -16.65
N TYR A 336 -4.77 -0.64 -16.80
CA TYR A 336 -5.49 0.60 -16.99
C TYR A 336 -5.26 1.07 -18.42
N ALA A 337 -6.22 0.79 -19.29
CA ALA A 337 -6.06 0.98 -20.73
C ALA A 337 -5.70 2.40 -21.13
N TYR A 338 -6.49 3.35 -20.65
CA TYR A 338 -6.44 4.74 -21.12
C TYR A 338 -5.02 5.35 -21.06
N ALA A 339 -4.26 5.01 -20.01
CA ALA A 339 -2.92 5.56 -19.85
C ALA A 339 -2.01 5.19 -21.01
N TYR A 340 -2.13 3.94 -21.46
CA TYR A 340 -1.40 3.47 -22.63
C TYR A 340 -1.77 4.35 -23.82
N THR A 341 -3.08 4.49 -24.02
CA THR A 341 -3.65 5.27 -25.12
C THR A 341 -3.12 6.70 -25.24
N LEU A 342 -3.19 7.44 -24.13
CA LEU A 342 -2.71 8.82 -24.07
C LEU A 342 -1.23 8.99 -24.40
N LEU A 343 -0.43 7.98 -24.12
CA LEU A 343 0.96 7.98 -24.54
C LEU A 343 1.10 7.90 -26.06
N GLY A 344 0.42 6.94 -26.67
CA GLY A 344 0.40 6.80 -28.11
C GLY A 344 0.21 8.10 -28.86
N HIS A 345 -0.88 8.80 -28.54
CA HIS A 345 -1.18 10.10 -29.13
C HIS A 345 0.00 11.08 -29.06
N GLU A 346 0.64 11.14 -27.90
CA GLU A 346 1.79 12.01 -27.68
C GLU A 346 3.04 11.62 -28.48
N PHE A 347 3.20 10.33 -28.71
CA PHE A 347 4.29 9.80 -29.53
C PHE A 347 4.04 10.04 -31.02
N VAL A 348 2.78 10.19 -31.37
CA VAL A 348 2.39 10.56 -32.72
C VAL A 348 2.96 11.94 -33.05
N LEU A 349 2.85 12.86 -32.09
CA LEU A 349 3.30 14.23 -32.32
C LEU A 349 4.83 14.28 -32.43
N THR A 350 5.51 13.56 -31.54
CA THR A 350 6.97 13.45 -31.61
C THR A 350 7.44 12.61 -32.80
N GLU A 351 6.49 12.02 -33.52
CA GLU A 351 6.76 11.23 -34.73
C GLU A 351 7.52 9.95 -34.37
N GLU A 352 7.10 9.31 -33.28
CA GLU A 352 7.69 8.04 -32.86
C GLU A 352 6.77 6.87 -33.17
N LEU A 353 6.26 6.85 -34.40
CA LEU A 353 5.19 5.95 -34.85
C LEU A 353 5.30 4.49 -34.42
N ASP A 354 6.53 3.99 -34.29
CA ASP A 354 6.75 2.59 -33.94
C ASP A 354 6.43 2.29 -32.47
N LYS A 355 6.83 3.18 -31.58
CA LYS A 355 6.45 3.06 -30.17
C LYS A 355 4.95 3.20 -30.01
N ALA A 356 4.37 4.19 -30.68
CA ALA A 356 2.94 4.45 -30.69
C ALA A 356 2.08 3.21 -31.00
N LEU A 357 2.48 2.46 -32.03
CA LEU A 357 1.78 1.23 -32.38
C LEU A 357 1.64 0.29 -31.18
N ALA A 358 2.78 -0.07 -30.60
CA ALA A 358 2.83 -0.97 -29.45
C ALA A 358 1.93 -0.48 -28.30
N CYS A 359 1.94 0.83 -28.08
CA CYS A 359 1.04 1.47 -27.13
C CYS A 359 -0.42 1.17 -27.39
N PHE A 360 -0.87 1.42 -28.62
CA PHE A 360 -2.27 1.20 -28.97
C PHE A 360 -2.61 -0.29 -28.93
N ARG A 361 -1.65 -1.13 -29.32
CA ARG A 361 -1.84 -2.58 -29.29
C ARG A 361 -1.97 -3.08 -27.85
N ASN A 362 -1.11 -2.57 -26.98
CA ASN A 362 -1.15 -2.90 -25.56
C ASN A 362 -2.51 -2.45 -25.00
N ALA A 363 -2.89 -1.23 -25.36
CA ALA A 363 -4.19 -0.67 -25.00
C ALA A 363 -5.29 -1.63 -25.43
N ILE A 364 -5.11 -2.26 -26.60
CA ILE A 364 -6.06 -3.23 -27.11
C ILE A 364 -5.99 -4.52 -26.30
N ARG A 365 -4.81 -4.87 -25.79
CA ARG A 365 -4.67 -6.04 -24.94
C ARG A 365 -5.44 -5.98 -23.62
N VAL A 366 -5.29 -4.89 -22.87
CA VAL A 366 -6.01 -4.76 -21.61
C VAL A 366 -7.53 -4.61 -21.74
N ASN A 367 -7.98 -3.73 -22.64
CA ASN A 367 -9.40 -3.60 -22.96
C ASN A 367 -9.68 -3.63 -24.45
N PRO A 368 -10.33 -4.69 -24.96
CA PRO A 368 -10.63 -4.67 -26.39
C PRO A 368 -11.76 -3.68 -26.79
N ARG A 369 -12.56 -3.18 -25.86
CA ARG A 369 -13.57 -2.17 -26.20
C ARG A 369 -13.19 -0.70 -26.00
N HIS A 370 -11.92 -0.40 -25.74
CA HIS A 370 -11.43 0.97 -25.59
C HIS A 370 -11.16 1.58 -26.99
N TYR A 371 -12.16 2.23 -27.56
CA TYR A 371 -12.15 2.69 -28.95
C TYR A 371 -10.96 3.58 -29.35
N ASN A 372 -10.49 4.44 -28.44
CA ASN A 372 -9.40 5.39 -28.75
C ASN A 372 -8.19 4.75 -29.42
N ALA A 373 -7.81 3.57 -28.94
CA ALA A 373 -6.61 2.87 -29.39
C ALA A 373 -6.75 2.28 -30.78
N TRP A 374 -7.89 1.66 -31.07
CA TRP A 374 -8.17 1.14 -32.41
C TRP A 374 -7.94 2.23 -33.44
N TYR A 375 -8.69 3.32 -33.29
CA TYR A 375 -8.62 4.44 -34.21
C TYR A 375 -7.22 5.03 -34.29
N GLY A 376 -6.55 5.15 -33.15
CA GLY A 376 -5.20 5.69 -33.13
C GLY A 376 -4.24 4.85 -33.95
N LEU A 377 -4.44 3.53 -33.93
CA LEU A 377 -3.64 2.65 -34.78
C LEU A 377 -4.02 2.95 -36.23
N GLY A 378 -5.32 2.88 -36.50
CA GLY A 378 -5.88 3.18 -37.81
C GLY A 378 -5.48 4.52 -38.39
N MET A 379 -5.28 5.50 -37.52
CA MET A 379 -4.93 6.84 -37.96
C MET A 379 -3.51 6.84 -38.53
N ILE A 380 -2.60 6.18 -37.83
CA ILE A 380 -1.21 6.09 -38.23
C ILE A 380 -0.96 5.10 -39.37
N TYR A 381 -1.92 4.22 -39.63
CA TYR A 381 -1.86 3.40 -40.84
C TYR A 381 -2.26 4.25 -42.04
N TYR A 382 -3.40 4.92 -41.89
CA TYR A 382 -3.89 5.90 -42.86
C TYR A 382 -2.81 6.92 -43.21
N LYS A 383 -2.12 7.41 -42.18
CA LYS A 383 -1.08 8.41 -42.35
C LYS A 383 0.06 7.84 -43.19
N GLN A 384 0.31 6.54 -43.04
CA GLN A 384 1.33 5.87 -43.84
C GLN A 384 0.69 5.23 -45.05
N GLU A 385 -0.63 5.37 -45.16
CA GLU A 385 -1.38 5.08 -46.39
C GLU A 385 -1.60 3.58 -46.55
N LYS A 386 -1.56 2.85 -45.44
CA LYS A 386 -1.99 1.46 -45.43
C LYS A 386 -3.47 1.39 -45.08
N PHE A 387 -4.31 1.43 -46.10
CA PHE A 387 -5.73 1.75 -45.94
C PHE A 387 -6.60 0.56 -45.56
N SER A 388 -6.55 -0.50 -46.35
CA SER A 388 -7.43 -1.64 -46.15
C SER A 388 -7.27 -2.30 -44.78
N LEU A 389 -6.13 -2.10 -44.13
CA LEU A 389 -6.01 -2.51 -42.74
C LEU A 389 -6.57 -1.41 -41.84
N ALA A 390 -6.23 -0.16 -42.14
CA ALA A 390 -6.76 0.99 -41.41
C ALA A 390 -8.28 0.96 -41.35
N GLU A 391 -8.91 0.55 -42.46
CA GLU A 391 -10.34 0.32 -42.52
C GLU A 391 -10.82 -0.56 -41.37
N MET A 392 -10.20 -1.74 -41.27
CA MET A 392 -10.60 -2.76 -40.30
C MET A 392 -10.58 -2.21 -38.88
N HIS A 393 -9.54 -1.43 -38.59
CA HIS A 393 -9.40 -0.77 -37.31
C HIS A 393 -10.48 0.28 -37.10
N PHE A 394 -10.66 1.15 -38.10
CA PHE A 394 -11.70 2.16 -38.06
C PHE A 394 -13.08 1.56 -37.87
N GLN A 395 -13.33 0.45 -38.56
CA GLN A 395 -14.61 -0.25 -38.46
C GLN A 395 -14.87 -0.83 -37.06
N LYS A 396 -13.91 -1.59 -36.56
CA LYS A 396 -14.01 -2.19 -35.23
C LYS A 396 -14.17 -1.16 -34.14
N ALA A 397 -13.51 -0.02 -34.34
CA ALA A 397 -13.60 1.15 -33.47
C ALA A 397 -14.96 1.84 -33.49
N LEU A 398 -15.45 2.13 -34.69
CA LEU A 398 -16.69 2.88 -34.87
C LEU A 398 -17.90 2.03 -34.51
N ASP A 399 -17.69 0.73 -34.43
CA ASP A 399 -18.70 -0.17 -33.88
C ASP A 399 -18.80 0.08 -32.38
N ILE A 400 -17.66 0.28 -31.73
CA ILE A 400 -17.66 0.59 -30.32
C ILE A 400 -18.22 1.99 -30.15
N ASN A 401 -17.66 2.95 -30.87
CA ASN A 401 -18.13 4.33 -30.78
C ASN A 401 -18.26 5.00 -32.14
N PRO A 402 -19.49 5.37 -32.51
CA PRO A 402 -19.67 6.33 -33.60
C PRO A 402 -19.41 7.75 -33.10
N GLN A 403 -18.86 8.60 -33.96
CA GLN A 403 -18.43 9.97 -33.62
C GLN A 403 -17.14 9.89 -32.83
N SER A 404 -16.33 8.87 -33.12
CA SER A 404 -14.97 8.77 -32.63
C SER A 404 -14.11 9.85 -33.24
N SER A 405 -14.29 10.06 -34.55
CA SER A 405 -13.46 10.95 -35.34
C SER A 405 -13.32 12.34 -34.74
N VAL A 406 -14.40 12.88 -34.17
CA VAL A 406 -14.38 14.25 -33.64
C VAL A 406 -13.25 14.47 -32.62
N LEU A 407 -13.12 13.58 -31.63
CA LEU A 407 -12.15 13.77 -30.57
C LEU A 407 -10.72 13.58 -31.05
N LEU A 408 -10.47 12.45 -31.73
CA LEU A 408 -9.10 12.09 -32.09
C LEU A 408 -8.56 12.91 -33.27
N CYS A 409 -9.45 13.50 -34.06
CA CYS A 409 -9.04 14.44 -35.09
C CYS A 409 -8.84 15.84 -34.52
N HIS A 410 -9.60 16.17 -33.47
CA HIS A 410 -9.38 17.40 -32.74
C HIS A 410 -7.98 17.38 -32.14
N ILE A 411 -7.53 16.19 -31.75
CA ILE A 411 -6.21 16.02 -31.14
C ILE A 411 -5.15 16.57 -32.09
N GLY A 412 -5.18 16.07 -33.32
CA GLY A 412 -4.26 16.47 -34.38
C GLY A 412 -4.29 17.97 -34.65
N VAL A 413 -5.46 18.56 -34.42
CA VAL A 413 -5.66 20.01 -34.54
C VAL A 413 -4.84 20.71 -33.47
N VAL A 414 -5.06 20.31 -32.22
CA VAL A 414 -4.39 20.91 -31.07
C VAL A 414 -2.87 20.83 -31.23
N GLN A 415 -2.38 19.74 -31.83
CA GLN A 415 -0.95 19.56 -32.04
C GLN A 415 -0.43 20.49 -33.14
N HIS A 416 -1.06 20.42 -34.31
CA HIS A 416 -0.64 21.16 -35.50
C HIS A 416 -0.85 22.68 -35.38
N ALA A 417 -1.56 23.12 -34.35
CA ALA A 417 -1.65 24.53 -34.05
C ALA A 417 -0.52 25.00 -33.14
N LEU A 418 -0.08 24.14 -32.23
CA LEU A 418 1.03 24.47 -31.35
C LEU A 418 2.34 23.96 -31.94
N THR A 427 -1.83 12.12 -53.74
CA THR A 427 -2.07 11.35 -52.52
C THR A 427 -3.49 11.59 -52.02
N LEU A 428 -3.87 12.86 -51.95
CA LEU A 428 -5.23 13.23 -51.60
C LEU A 428 -6.19 12.63 -52.63
N ASN A 429 -5.74 12.54 -53.88
CA ASN A 429 -6.53 11.86 -54.88
C ASN A 429 -6.30 10.36 -54.82
N LYS A 430 -5.07 9.96 -54.48
CA LYS A 430 -4.74 8.54 -54.33
C LYS A 430 -5.71 7.92 -53.33
N ALA A 431 -5.90 8.64 -52.22
CA ALA A 431 -6.77 8.21 -51.13
C ALA A 431 -8.21 8.07 -51.58
N ILE A 432 -8.72 9.09 -52.28
CA ILE A 432 -10.07 9.07 -52.82
C ILE A 432 -10.25 7.91 -53.79
N VAL A 433 -9.21 7.61 -54.54
CA VAL A 433 -9.22 6.49 -55.48
C VAL A 433 -9.32 5.20 -54.68
N ILE A 434 -8.49 5.10 -53.66
CA ILE A 434 -8.53 3.99 -52.71
C ILE A 434 -9.85 3.99 -51.95
N ASP A 435 -10.33 5.18 -51.61
CA ASP A 435 -11.57 5.32 -50.85
C ASP A 435 -12.78 4.76 -51.59
N PRO A 436 -12.69 4.67 -52.93
CA PRO A 436 -13.77 4.01 -53.69
C PRO A 436 -14.15 2.69 -53.03
N LYS A 437 -13.16 1.80 -52.88
CA LYS A 437 -13.41 0.49 -52.27
C LYS A 437 -13.90 0.56 -50.82
N ASN A 438 -13.33 1.46 -50.00
CA ASN A 438 -13.58 1.39 -48.55
C ASN A 438 -13.89 2.74 -47.87
N PRO A 439 -15.11 2.87 -47.34
CA PRO A 439 -15.77 4.09 -46.83
C PRO A 439 -15.10 4.85 -45.68
N LEU A 440 -14.73 4.12 -44.63
CA LEU A 440 -14.30 4.73 -43.37
C LEU A 440 -12.96 5.45 -43.43
N CYS A 441 -12.05 4.94 -44.25
CA CYS A 441 -10.80 5.65 -44.48
C CYS A 441 -11.10 7.03 -45.02
N LYS A 442 -11.96 7.07 -46.05
CA LYS A 442 -12.45 8.32 -46.63
C LYS A 442 -13.10 9.21 -45.59
N PHE A 443 -13.98 8.62 -44.79
CA PHE A 443 -14.73 9.33 -43.75
C PHE A 443 -13.80 10.06 -42.77
N HIS A 444 -12.67 9.45 -42.47
CA HIS A 444 -11.68 10.10 -41.62
C HIS A 444 -11.14 11.33 -42.34
N ARG A 445 -10.78 11.17 -43.60
CA ARG A 445 -10.28 12.27 -44.44
C ARG A 445 -11.22 13.48 -44.45
N ALA A 446 -12.51 13.24 -44.29
CA ALA A 446 -13.48 14.32 -44.17
C ALA A 446 -13.47 14.88 -42.76
N SER A 447 -13.54 13.99 -41.78
CA SER A 447 -13.52 14.38 -40.38
C SER A 447 -12.23 15.13 -40.05
N VAL A 448 -11.14 14.73 -40.71
CA VAL A 448 -9.86 15.39 -40.55
C VAL A 448 -9.88 16.80 -41.12
N LEU A 449 -10.67 17.02 -42.15
CA LEU A 449 -10.86 18.35 -42.72
C LEU A 449 -11.77 19.29 -41.93
N PHE A 450 -12.86 18.76 -41.38
CA PHE A 450 -13.79 19.57 -40.57
C PHE A 450 -13.13 20.05 -39.28
N ALA A 451 -12.29 19.20 -38.70
CA ALA A 451 -11.54 19.53 -37.49
C ALA A 451 -10.58 20.69 -37.73
N ASN A 452 -9.89 20.66 -38.86
CA ASN A 452 -9.18 21.83 -39.36
C ASN A 452 -10.19 22.90 -39.76
N GLU A 453 -9.75 24.14 -39.96
CA GLU A 453 -10.70 25.20 -40.26
C GLU A 453 -11.07 25.24 -41.74
N LYS A 454 -10.96 24.09 -42.40
CA LYS A 454 -11.13 23.97 -43.84
C LYS A 454 -12.49 23.34 -44.13
N TYR A 455 -13.55 24.12 -43.99
CA TYR A 455 -14.91 23.57 -43.90
C TYR A 455 -15.46 23.19 -45.28
N LYS A 456 -15.18 24.03 -46.26
CA LYS A 456 -15.63 23.83 -47.64
C LYS A 456 -15.08 22.55 -48.27
N SER A 457 -13.77 22.36 -48.18
CA SER A 457 -13.09 21.17 -48.71
C SER A 457 -13.73 19.87 -48.21
N ALA A 458 -14.24 19.89 -46.99
CA ALA A 458 -14.92 18.75 -46.39
C ALA A 458 -16.20 18.34 -47.14
N LEU A 459 -16.99 19.32 -47.56
CA LEU A 459 -18.30 19.04 -48.17
C LEU A 459 -18.21 18.46 -49.58
N GLN A 460 -17.16 18.82 -50.33
CA GLN A 460 -16.89 18.20 -51.62
C GLN A 460 -16.61 16.70 -51.45
N GLU A 461 -15.65 16.38 -50.60
CA GLU A 461 -15.28 15.00 -50.29
C GLU A 461 -16.44 14.23 -49.66
N LEU A 462 -17.27 14.93 -48.90
CA LEU A 462 -18.41 14.33 -48.22
C LEU A 462 -19.47 13.80 -49.18
N GLU A 463 -19.91 14.64 -50.12
CA GLU A 463 -20.96 14.23 -51.06
C GLU A 463 -20.49 13.05 -51.90
N GLU A 464 -19.24 13.10 -52.34
CA GLU A 464 -18.60 11.99 -53.05
C GLU A 464 -18.73 10.66 -52.27
N LEU A 465 -18.68 10.76 -50.95
CA LEU A 465 -18.89 9.61 -50.06
C LEU A 465 -20.36 9.32 -49.81
N LYS A 466 -21.18 10.36 -49.73
CA LYS A 466 -22.63 10.20 -49.55
C LYS A 466 -23.23 9.32 -50.64
N GLN A 467 -22.66 9.42 -51.84
CA GLN A 467 -23.01 8.57 -52.97
C GLN A 467 -22.45 7.15 -52.81
N ILE A 468 -21.25 7.07 -52.26
CA ILE A 468 -20.59 5.79 -51.97
C ILE A 468 -21.27 4.95 -50.89
N VAL A 469 -21.84 5.61 -49.88
CA VAL A 469 -22.58 4.88 -48.85
C VAL A 469 -23.82 5.62 -48.38
N PRO A 470 -24.98 5.26 -48.95
CA PRO A 470 -26.24 5.84 -48.49
C PRO A 470 -26.82 5.03 -47.34
N LYS A 471 -26.06 4.06 -46.88
CA LYS A 471 -26.52 3.20 -45.80
C LYS A 471 -26.18 3.84 -44.46
N GLU A 472 -24.95 4.34 -44.35
CA GLU A 472 -24.38 4.73 -43.07
C GLU A 472 -24.94 6.05 -42.53
N SER A 473 -25.47 6.00 -41.31
CA SER A 473 -25.93 7.19 -40.61
C SER A 473 -24.82 8.24 -40.46
N LEU A 474 -23.59 7.76 -40.27
CA LEU A 474 -22.41 8.60 -40.11
C LEU A 474 -22.30 9.70 -41.18
N VAL A 475 -22.62 9.34 -42.41
CA VAL A 475 -22.56 10.27 -43.53
C VAL A 475 -23.58 11.40 -43.41
N TYR A 476 -24.81 11.06 -43.04
CA TYR A 476 -25.88 12.04 -42.95
C TYR A 476 -25.76 12.89 -41.69
N PHE A 477 -25.19 12.30 -40.65
CA PHE A 477 -24.93 12.99 -39.40
C PHE A 477 -23.84 14.06 -39.54
N LEU A 478 -22.89 13.81 -40.43
CA LEU A 478 -21.82 14.76 -40.70
C LEU A 478 -22.33 15.92 -41.54
N ILE A 479 -23.19 15.62 -42.51
CA ILE A 479 -23.86 16.66 -43.28
C ILE A 479 -24.66 17.55 -42.34
N GLY A 480 -25.32 16.94 -41.36
CA GLY A 480 -26.05 17.68 -40.35
C GLY A 480 -25.19 18.70 -39.64
N LYS A 481 -24.02 18.27 -39.18
CA LYS A 481 -23.09 19.16 -38.50
C LYS A 481 -22.56 20.26 -39.44
N VAL A 482 -22.05 19.84 -40.59
CA VAL A 482 -21.47 20.76 -41.57
C VAL A 482 -22.39 21.86 -42.06
N TYR A 483 -23.69 21.59 -42.10
CA TYR A 483 -24.68 22.63 -42.38
C TYR A 483 -24.89 23.62 -41.23
N LYS A 484 -24.99 23.08 -40.02
CA LYS A 484 -25.18 23.89 -38.82
C LYS A 484 -24.12 24.98 -38.70
N LYS A 485 -22.87 24.61 -38.92
CA LYS A 485 -21.76 25.56 -38.82
C LYS A 485 -21.69 26.50 -40.02
N LEU A 486 -22.42 26.16 -41.08
CA LEU A 486 -22.43 26.97 -42.29
C LEU A 486 -23.60 27.94 -42.35
N GLY A 487 -24.52 27.81 -41.40
CA GLY A 487 -25.68 28.69 -41.34
C GLY A 487 -27.01 28.07 -41.75
N GLN A 488 -26.97 27.15 -42.72
CA GLN A 488 -28.19 26.52 -43.21
C GLN A 488 -28.84 25.67 -42.12
N THR A 489 -29.64 26.32 -41.28
CA THR A 489 -30.31 25.66 -40.16
C THR A 489 -31.40 24.68 -40.60
N HIS A 490 -32.15 25.05 -41.64
CA HIS A 490 -33.23 24.22 -42.15
C HIS A 490 -32.75 22.91 -42.79
N LEU A 491 -31.58 22.97 -43.41
CA LEU A 491 -31.01 21.82 -44.12
C LEU A 491 -30.20 20.91 -43.21
N ALA A 492 -29.74 21.46 -42.10
CA ALA A 492 -29.09 20.66 -41.06
C ALA A 492 -30.09 19.78 -40.34
N LEU A 493 -31.08 20.40 -39.70
CA LEU A 493 -32.18 19.66 -39.07
C LEU A 493 -32.69 18.52 -39.95
N MET A 494 -32.83 18.81 -41.23
CA MET A 494 -33.28 17.86 -42.24
C MET A 494 -32.48 16.55 -42.23
N ASN A 495 -31.18 16.66 -42.49
CA ASN A 495 -30.34 15.47 -42.64
C ASN A 495 -30.08 14.74 -41.35
N PHE A 496 -30.25 15.42 -40.22
CA PHE A 496 -30.05 14.73 -38.94
C PHE A 496 -31.15 13.71 -38.59
N SER A 497 -32.42 14.07 -38.81
CA SER A 497 -33.57 13.17 -38.60
C SER A 497 -33.64 11.97 -39.56
N TRP A 498 -33.03 12.16 -40.74
CA TRP A 498 -32.81 11.12 -41.73
C TRP A 498 -31.73 10.23 -41.15
N ALA A 499 -30.60 10.89 -40.82
CA ALA A 499 -29.46 10.18 -40.26
C ALA A 499 -29.96 9.32 -39.08
N MET A 500 -30.89 9.84 -38.26
CA MET A 500 -31.45 9.13 -37.10
C MET A 500 -32.34 7.94 -37.51
N ASP A 501 -33.17 8.17 -38.54
CA ASP A 501 -34.07 7.16 -39.05
C ASP A 501 -33.29 6.00 -39.64
N LEU A 502 -32.11 6.28 -40.18
CA LEU A 502 -31.31 5.22 -40.81
C LEU A 502 -30.51 4.47 -39.74
N ASP A 503 -30.49 5.03 -38.55
CA ASP A 503 -29.68 4.53 -37.43
C ASP A 503 -30.35 3.42 -36.62
N PRO A 504 -29.59 2.37 -36.29
CA PRO A 504 -30.15 1.31 -35.45
C PRO A 504 -29.35 1.13 -34.16
N GLU B 8 -31.08 -0.40 7.25
CA GLU B 8 -30.53 -1.56 7.94
C GLU B 8 -30.03 -2.65 6.99
N PRO B 9 -30.80 -2.99 5.94
CA PRO B 9 -30.25 -4.00 5.02
C PRO B 9 -29.04 -3.48 4.26
N VAL B 10 -29.08 -2.22 3.86
CA VAL B 10 -27.96 -1.60 3.15
C VAL B 10 -26.68 -1.55 3.99
N GLN B 11 -26.83 -1.22 5.27
CA GLN B 11 -25.68 -1.16 6.17
C GLN B 11 -25.03 -2.53 6.36
N ALA B 12 -25.87 -3.52 6.63
CA ALA B 12 -25.42 -4.90 6.82
C ALA B 12 -24.84 -5.52 5.54
N ALA B 13 -25.30 -5.04 4.40
CA ALA B 13 -24.78 -5.48 3.11
C ALA B 13 -23.37 -4.94 2.84
N ILE B 14 -23.12 -3.71 3.28
CA ILE B 14 -21.79 -3.12 3.19
C ILE B 14 -20.77 -3.93 4.00
N TRP B 15 -21.04 -4.15 5.28
CA TRP B 15 -20.13 -4.88 6.17
C TRP B 15 -19.80 -6.28 5.65
N GLN B 16 -20.71 -6.86 4.88
CA GLN B 16 -20.45 -8.15 4.25
C GLN B 16 -19.41 -7.95 3.15
N ALA B 17 -19.63 -6.93 2.33
CA ALA B 17 -18.72 -6.60 1.24
C ALA B 17 -17.31 -6.26 1.74
N LEU B 18 -17.25 -5.53 2.86
CA LEU B 18 -15.99 -5.23 3.52
C LEU B 18 -15.23 -6.46 4.01
N ASN B 19 -15.94 -7.34 4.69
CA ASN B 19 -15.35 -8.54 5.25
C ASN B 19 -14.94 -9.58 4.21
N HIS B 20 -15.26 -9.32 2.96
CA HIS B 20 -14.72 -10.10 1.86
C HIS B 20 -13.78 -9.26 1.03
N TYR B 21 -13.46 -8.07 1.56
CA TYR B 21 -12.54 -7.13 0.93
C TYR B 21 -12.98 -6.77 -0.49
N ALA B 22 -14.29 -6.63 -0.66
CA ALA B 22 -14.85 -6.09 -1.89
C ALA B 22 -15.12 -4.61 -1.71
N TYR B 23 -14.05 -3.83 -1.79
CA TYR B 23 -14.08 -2.42 -1.42
C TYR B 23 -14.87 -1.59 -2.43
N ARG B 24 -14.69 -1.89 -3.71
CA ARG B 24 -15.41 -1.18 -4.77
C ARG B 24 -16.92 -1.35 -4.62
N ASP B 25 -17.36 -2.53 -4.20
CA ASP B 25 -18.78 -2.81 -4.05
C ASP B 25 -19.38 -2.08 -2.86
N ALA B 26 -18.54 -1.83 -1.86
CA ALA B 26 -18.97 -1.28 -0.58
C ALA B 26 -18.99 0.24 -0.54
N VAL B 27 -17.98 0.89 -1.10
CA VAL B 27 -17.95 2.34 -1.18
C VAL B 27 -19.15 2.87 -1.96
N PHE B 28 -19.54 2.13 -2.99
CA PHE B 28 -20.69 2.50 -3.82
C PHE B 28 -22.00 2.49 -3.04
N LEU B 29 -22.21 1.47 -2.22
CA LEU B 29 -23.37 1.41 -1.36
C LEU B 29 -23.30 2.51 -0.30
N ALA B 30 -22.10 2.72 0.21
CA ALA B 30 -21.88 3.72 1.24
C ALA B 30 -22.04 5.16 0.70
N GLU B 31 -21.67 5.39 -0.56
CA GLU B 31 -21.93 6.69 -1.17
C GLU B 31 -23.43 6.91 -1.30
N ARG B 32 -24.12 5.89 -1.82
CA ARG B 32 -25.58 5.85 -1.85
C ARG B 32 -26.22 6.09 -0.49
N LEU B 33 -25.88 5.25 0.48
CA LEU B 33 -26.45 5.39 1.81
C LEU B 33 -26.24 6.80 2.38
N TYR B 34 -25.04 7.38 2.18
CA TYR B 34 -24.76 8.71 2.71
C TYR B 34 -25.45 9.86 1.97
N ALA B 35 -25.64 9.65 0.67
CA ALA B 35 -26.41 10.58 -0.14
C ALA B 35 -27.85 10.54 0.27
N GLU B 36 -28.30 9.32 0.55
CA GLU B 36 -29.68 9.07 0.89
C GLU B 36 -29.96 9.74 2.24
N VAL B 37 -29.23 9.33 3.29
CA VAL B 37 -29.29 9.96 4.61
C VAL B 37 -27.95 10.65 4.85
N HIS B 38 -27.94 11.89 5.34
CA HIS B 38 -26.66 12.53 5.67
C HIS B 38 -26.20 12.22 7.08
N SER B 39 -26.65 11.08 7.58
CA SER B 39 -26.35 10.54 8.90
C SER B 39 -24.85 10.49 9.20
N GLU B 40 -24.48 10.71 10.45
CA GLU B 40 -23.08 10.64 10.84
C GLU B 40 -22.56 9.19 10.90
N GLU B 41 -23.47 8.23 11.02
CA GLU B 41 -23.08 6.82 10.91
C GLU B 41 -22.99 6.41 9.45
N ALA B 42 -23.80 7.05 8.60
CA ALA B 42 -23.66 6.85 7.16
C ALA B 42 -22.31 7.40 6.72
N LEU B 43 -21.95 8.54 7.30
CA LEU B 43 -20.64 9.16 7.10
C LEU B 43 -19.49 8.26 7.55
N PHE B 44 -19.63 7.72 8.76
CA PHE B 44 -18.65 6.81 9.34
C PHE B 44 -18.39 5.60 8.42
N LEU B 45 -19.46 5.05 7.84
CA LEU B 45 -19.34 3.90 6.96
C LEU B 45 -18.53 4.29 5.72
N LEU B 46 -18.96 5.32 5.00
CA LEU B 46 -18.23 5.80 3.82
C LEU B 46 -16.76 6.04 4.07
N ALA B 47 -16.44 6.71 5.17
CA ALA B 47 -15.06 6.97 5.51
C ALA B 47 -14.34 5.68 5.91
N THR B 48 -15.08 4.77 6.54
CA THR B 48 -14.54 3.46 6.88
C THR B 48 -14.25 2.65 5.61
N CYS B 49 -15.09 2.82 4.59
CA CYS B 49 -14.90 2.11 3.32
C CYS B 49 -13.74 2.67 2.51
N TYR B 50 -13.55 3.99 2.55
CA TYR B 50 -12.41 4.61 1.88
C TYR B 50 -11.10 4.23 2.59
N TYR B 51 -11.13 4.21 3.91
CA TYR B 51 -9.94 3.89 4.69
C TYR B 51 -9.48 2.44 4.50
N ARG B 52 -10.41 1.51 4.53
CA ARG B 52 -10.09 0.10 4.34
C ARG B 52 -9.76 -0.23 2.87
N SER B 53 -10.26 0.58 1.95
CA SER B 53 -9.88 0.49 0.54
C SER B 53 -8.41 0.80 0.30
N GLY B 54 -7.75 1.33 1.33
CA GLY B 54 -6.34 1.69 1.24
C GLY B 54 -6.17 3.10 0.70
N LYS B 55 -7.21 3.92 0.92
CA LYS B 55 -7.19 5.31 0.49
C LYS B 55 -7.59 6.18 1.68
N ALA B 56 -6.65 6.34 2.60
CA ALA B 56 -6.86 7.11 3.84
C ALA B 56 -7.17 8.59 3.62
N TYR B 57 -6.49 9.22 2.69
CA TYR B 57 -6.72 10.63 2.34
C TYR B 57 -8.20 10.87 2.03
N LYS B 58 -8.82 9.90 1.36
CA LYS B 58 -10.19 9.99 0.90
C LYS B 58 -11.16 10.10 2.07
N ALA B 59 -10.88 9.34 3.13
CA ALA B 59 -11.73 9.41 4.31
C ALA B 59 -11.49 10.74 5.02
N TYR B 60 -10.22 11.03 5.33
CA TYR B 60 -9.83 12.31 5.94
C TYR B 60 -10.56 13.52 5.33
N ARG B 61 -10.38 13.70 4.02
CA ARG B 61 -10.95 14.84 3.31
C ARG B 61 -12.46 14.85 3.43
N LEU B 62 -13.05 13.66 3.44
CA LEU B 62 -14.48 13.52 3.64
C LEU B 62 -14.89 13.90 5.06
N LEU B 63 -14.26 13.27 6.05
CA LEU B 63 -14.59 13.54 7.45
C LEU B 63 -14.34 14.99 7.84
N LYS B 64 -13.33 15.62 7.25
CA LYS B 64 -13.08 17.03 7.55
C LYS B 64 -14.19 17.89 6.98
N GLY B 65 -14.56 17.63 5.73
CA GLY B 65 -15.59 18.39 5.05
C GLY B 65 -17.02 18.13 5.49
N HIS B 66 -17.21 17.37 6.56
CA HIS B 66 -18.53 17.16 7.16
C HIS B 66 -18.40 17.16 8.67
N SER B 67 -19.50 17.41 9.39
CA SER B 67 -19.51 17.43 10.86
C SER B 67 -19.33 16.09 11.60
N CYS B 68 -18.09 15.76 11.95
CA CYS B 68 -17.83 14.58 12.76
C CYS B 68 -17.64 14.92 14.25
N THR B 69 -18.53 14.42 15.11
CA THR B 69 -18.57 14.90 16.50
C THR B 69 -18.71 13.74 17.48
N THR B 70 -18.55 12.52 16.96
CA THR B 70 -18.85 11.30 17.69
C THR B 70 -17.56 10.51 17.92
N PRO B 71 -17.51 9.65 18.95
CA PRO B 71 -16.22 9.00 19.24
C PRO B 71 -15.80 8.17 18.03
N GLN B 72 -16.71 7.30 17.58
CA GLN B 72 -16.51 6.46 16.41
C GLN B 72 -15.94 7.25 15.24
N CYS B 73 -16.51 8.42 14.96
CA CYS B 73 -16.04 9.27 13.87
C CYS B 73 -14.67 9.83 14.20
N LYS B 74 -14.55 10.41 15.38
CA LYS B 74 -13.33 11.04 15.86
C LYS B 74 -12.11 10.12 15.92
N TYR B 75 -12.35 8.84 16.15
CA TYR B 75 -11.28 7.84 16.11
C TYR B 75 -10.73 7.64 14.70
N LEU B 76 -11.62 7.31 13.76
CA LEU B 76 -11.25 7.10 12.36
C LEU B 76 -10.47 8.28 11.77
N LEU B 77 -10.91 9.49 12.12
CA LEU B 77 -10.26 10.70 11.64
C LEU B 77 -8.86 10.87 12.23
N ALA B 78 -8.73 10.64 13.54
CA ALA B 78 -7.42 10.66 14.19
C ALA B 78 -6.46 9.67 13.54
N LYS B 79 -6.93 8.44 13.33
CA LYS B 79 -6.16 7.41 12.65
C LYS B 79 -5.64 7.82 11.27
N CYS B 80 -6.50 8.49 10.49
CA CYS B 80 -6.09 9.01 9.19
C CYS B 80 -5.04 10.10 9.34
N CYS B 81 -5.23 10.96 10.34
CA CYS B 81 -4.30 12.03 10.62
C CYS B 81 -2.92 11.41 10.86
N VAL B 82 -2.87 10.49 11.82
CA VAL B 82 -1.62 9.87 12.23
C VAL B 82 -1.00 9.14 11.02
N ASP B 83 -1.85 8.47 10.26
CA ASP B 83 -1.44 7.84 9.01
C ASP B 83 -0.83 8.84 8.02
N LEU B 84 -1.37 10.06 8.03
CA LEU B 84 -0.91 11.09 7.10
C LEU B 84 0.23 11.94 7.65
N SER B 85 0.83 11.51 8.76
CA SER B 85 1.86 12.29 9.44
C SER B 85 1.35 13.69 9.77
N LYS B 86 0.15 13.75 10.33
CA LYS B 86 -0.44 14.99 10.80
C LYS B 86 -0.67 14.87 12.30
N LEU B 87 0.43 14.72 13.03
CA LEU B 87 0.41 14.35 14.44
C LEU B 87 -0.24 15.41 15.33
N ALA B 88 -0.10 16.67 14.92
CA ALA B 88 -0.68 17.79 15.65
C ALA B 88 -2.20 17.64 15.61
N GLU B 89 -2.71 17.41 14.41
CA GLU B 89 -4.12 17.13 14.20
C GLU B 89 -4.59 15.98 15.09
N GLY B 90 -3.95 14.82 14.91
CA GLY B 90 -4.28 13.62 15.66
C GLY B 90 -4.43 13.86 17.16
N GLU B 91 -3.47 14.59 17.73
CA GLU B 91 -3.53 14.98 19.12
C GLU B 91 -4.74 15.86 19.40
N GLN B 92 -4.88 16.92 18.62
CA GLN B 92 -5.96 17.86 18.83
C GLN B 92 -7.32 17.19 18.67
N ILE B 93 -7.39 16.06 17.97
CA ILE B 93 -8.70 15.42 17.90
C ILE B 93 -9.09 14.56 19.11
N LEU B 94 -8.21 13.65 19.56
CA LEU B 94 -8.65 12.83 20.67
C LEU B 94 -8.60 13.47 22.06
N SER B 95 -7.44 14.00 22.41
CA SER B 95 -7.24 14.70 23.67
C SER B 95 -7.88 16.07 23.66
N GLY B 96 -7.79 16.67 22.48
CA GLY B 96 -8.16 18.04 22.29
C GLY B 96 -9.49 18.56 21.85
N GLY B 97 -9.95 19.49 22.67
CA GLY B 97 -11.07 20.30 22.29
C GLY B 97 -10.46 21.59 21.75
N VAL B 98 -11.10 22.09 20.70
CA VAL B 98 -10.76 23.33 20.04
C VAL B 98 -11.13 24.22 21.21
N PHE B 99 -12.26 23.87 21.80
CA PHE B 99 -12.82 24.62 22.88
C PHE B 99 -12.57 23.93 24.22
N ASN B 100 -13.00 22.70 24.43
CA ASN B 100 -12.44 21.92 25.54
C ASN B 100 -10.93 22.05 25.85
N LYS B 101 -10.59 21.90 27.13
CA LYS B 101 -9.23 22.09 27.63
C LYS B 101 -8.57 20.73 27.45
N GLN B 102 -7.35 20.54 27.98
CA GLN B 102 -6.69 19.26 27.83
C GLN B 102 -7.62 18.28 28.52
N LYS B 103 -8.03 17.24 27.81
CA LYS B 103 -8.95 16.28 28.37
C LYS B 103 -8.33 15.48 29.49
N SER B 104 -9.18 15.06 30.43
CA SER B 104 -8.71 14.16 31.44
C SER B 104 -8.45 12.85 30.73
N HIS B 105 -7.77 11.97 31.41
CA HIS B 105 -7.66 10.59 31.00
C HIS B 105 -9.06 9.96 31.04
N ASP B 106 -9.75 10.27 32.14
CA ASP B 106 -11.12 9.85 32.44
C ASP B 106 -12.17 10.40 31.47
N ASP B 107 -12.00 11.64 31.03
CA ASP B 107 -12.88 12.21 30.01
C ASP B 107 -12.79 11.40 28.72
N ILE B 108 -11.57 11.11 28.29
CA ILE B 108 -11.35 10.37 27.05
C ILE B 108 -12.04 9.00 27.11
N VAL B 109 -11.91 8.33 28.24
CA VAL B 109 -12.50 7.01 28.46
C VAL B 109 -14.02 7.06 28.38
N THR B 110 -14.58 8.13 28.96
CA THR B 110 -16.02 8.36 28.95
C THR B 110 -16.50 8.51 27.51
N GLU B 111 -15.82 9.39 26.77
CA GLU B 111 -16.21 9.71 25.40
C GLU B 111 -16.14 8.51 24.47
N PHE B 112 -15.04 7.76 24.53
CA PHE B 112 -14.78 6.69 23.56
C PHE B 112 -15.17 5.29 24.03
N GLY B 113 -15.65 5.19 25.27
CA GLY B 113 -16.15 3.93 25.80
C GLY B 113 -15.28 2.71 25.56
N ASP B 114 -15.70 1.84 24.64
CA ASP B 114 -14.94 0.63 24.33
C ASP B 114 -13.70 0.96 23.49
N SER B 115 -13.82 1.99 22.67
CA SER B 115 -12.70 2.44 21.84
C SER B 115 -11.67 3.25 22.64
N ALA B 116 -11.85 3.30 23.95
CA ALA B 116 -10.99 4.09 24.83
C ALA B 116 -9.55 3.58 24.82
N CYS B 117 -9.39 2.26 24.91
CA CYS B 117 -8.06 1.66 24.94
C CYS B 117 -7.26 1.91 23.66
N PHE B 118 -7.95 1.93 22.52
CA PHE B 118 -7.28 2.15 21.25
C PHE B 118 -6.92 3.61 20.99
N THR B 119 -7.83 4.52 21.32
CA THR B 119 -7.59 5.96 21.18
C THR B 119 -6.43 6.38 22.07
N LEU B 120 -6.38 5.84 23.28
CA LEU B 120 -5.32 6.15 24.21
C LEU B 120 -4.01 5.56 23.70
N SER B 121 -4.07 4.34 23.18
CA SER B 121 -2.90 3.71 22.57
C SER B 121 -2.34 4.62 21.48
N LEU B 122 -3.21 5.12 20.60
CA LEU B 122 -2.80 5.98 19.49
C LEU B 122 -2.24 7.31 19.96
N LEU B 123 -2.80 7.85 21.05
CA LEU B 123 -2.26 9.04 21.68
C LEU B 123 -0.85 8.81 22.18
N GLY B 124 -0.66 7.73 22.94
CA GLY B 124 0.64 7.37 23.46
C GLY B 124 1.67 7.35 22.35
N HIS B 125 1.31 6.76 21.22
CA HIS B 125 2.14 6.77 20.01
C HIS B 125 2.48 8.18 19.55
N VAL B 126 1.48 9.07 19.52
CA VAL B 126 1.69 10.45 19.12
C VAL B 126 2.61 11.16 20.10
N TYR B 127 2.35 10.99 21.38
CA TYR B 127 3.20 11.57 22.43
C TYR B 127 4.63 11.05 22.29
N CYS B 128 4.76 9.76 21.95
CA CYS B 128 6.07 9.14 21.81
C CYS B 128 6.75 9.63 20.54
N LYS B 129 5.96 9.94 19.52
CA LYS B 129 6.51 10.45 18.27
C LYS B 129 6.96 11.90 18.42
N THR B 130 6.17 12.72 19.10
CA THR B 130 6.65 14.01 19.57
C THR B 130 7.59 13.78 20.76
N ASP B 131 8.00 14.84 21.42
CA ASP B 131 9.08 14.72 22.40
C ASP B 131 8.53 14.56 23.82
N ARG B 132 7.36 13.95 23.94
CA ARG B 132 6.75 13.78 25.26
C ARG B 132 6.53 12.30 25.57
N LEU B 133 7.61 11.63 25.97
CA LEU B 133 7.60 10.21 26.29
C LEU B 133 6.75 9.89 27.53
N ALA B 134 6.87 10.74 28.55
CA ALA B 134 6.18 10.57 29.82
C ALA B 134 4.66 10.62 29.68
N LYS B 135 4.17 11.62 28.96
CA LYS B 135 2.75 11.70 28.61
C LYS B 135 2.28 10.47 27.82
N GLY B 136 3.18 9.92 27.00
CA GLY B 136 2.91 8.74 26.21
C GLY B 136 2.78 7.44 26.99
N SER B 137 3.73 7.17 27.87
CA SER B 137 3.74 5.92 28.63
C SER B 137 2.61 5.90 29.64
N GLU B 138 2.13 7.08 30.01
CA GLU B 138 0.95 7.18 30.86
C GLU B 138 -0.29 6.81 30.07
N CYS B 139 -0.37 7.27 28.83
CA CYS B 139 -1.49 6.91 27.96
C CYS B 139 -1.49 5.41 27.65
N TYR B 140 -0.30 4.83 27.49
CA TYR B 140 -0.18 3.41 27.22
C TYR B 140 -0.61 2.55 28.41
N GLN B 141 -0.13 2.89 29.58
CA GLN B 141 -0.46 2.16 30.80
C GLN B 141 -1.97 2.13 30.97
N LYS B 142 -2.59 3.28 30.78
CA LYS B 142 -4.04 3.40 30.87
C LYS B 142 -4.72 2.47 29.87
N SER B 143 -4.22 2.47 28.64
CA SER B 143 -4.73 1.58 27.60
C SER B 143 -4.69 0.12 28.03
N LEU B 144 -3.56 -0.29 28.60
CA LEU B 144 -3.33 -1.67 29.03
C LEU B 144 -4.25 -2.06 30.18
N SER B 145 -4.47 -1.13 31.10
CA SER B 145 -5.34 -1.38 32.23
C SER B 145 -6.79 -1.50 31.77
N LEU B 146 -7.16 -0.70 30.77
CA LEU B 146 -8.49 -0.80 30.17
C LEU B 146 -8.65 -2.10 29.38
N ASN B 147 -7.56 -2.57 28.79
CA ASN B 147 -7.62 -3.73 27.92
C ASN B 147 -6.26 -4.44 27.86
N PRO B 148 -6.05 -5.44 28.74
CA PRO B 148 -4.76 -6.12 28.84
C PRO B 148 -4.58 -7.22 27.81
N PHE B 149 -5.51 -7.31 26.85
CA PHE B 149 -5.34 -8.21 25.72
C PHE B 149 -4.46 -7.57 24.65
N LEU B 150 -4.34 -6.25 24.68
CA LEU B 150 -3.47 -5.51 23.78
C LEU B 150 -2.02 -5.73 24.17
N TRP B 151 -1.20 -6.21 23.24
CA TRP B 151 0.22 -6.38 23.50
C TRP B 151 1.05 -5.14 23.14
N SER B 152 0.64 -4.42 22.11
CA SER B 152 1.48 -3.36 21.54
C SER B 152 1.81 -2.20 22.50
N PRO B 153 0.87 -1.78 23.38
CA PRO B 153 1.26 -0.70 24.30
C PRO B 153 2.38 -1.12 25.26
N PHE B 154 2.28 -2.34 25.79
CA PHE B 154 3.31 -2.91 26.65
C PHE B 154 4.62 -3.10 25.89
N GLU B 155 4.53 -3.51 24.63
CA GLU B 155 5.69 -3.65 23.77
C GLU B 155 6.43 -2.32 23.71
N SER B 156 5.66 -1.25 23.51
CA SER B 156 6.22 0.10 23.41
C SER B 156 6.86 0.54 24.73
N LEU B 157 6.15 0.34 25.83
CA LEU B 157 6.69 0.62 27.18
C LEU B 157 8.06 0.04 27.44
N CYS B 158 8.28 -1.21 27.02
CA CYS B 158 9.56 -1.85 27.22
C CYS B 158 10.63 -1.17 26.37
N GLU B 159 10.30 -0.91 25.11
CA GLU B 159 11.25 -0.32 24.17
C GLU B 159 11.62 1.12 24.50
N ILE B 160 10.66 1.90 25.01
CA ILE B 160 10.95 3.27 25.39
C ILE B 160 11.49 3.39 26.81
N GLY B 161 12.02 2.30 27.33
CA GLY B 161 12.83 2.34 28.53
C GLY B 161 12.12 2.23 29.86
N GLU B 162 10.80 2.24 29.86
CA GLU B 162 10.08 2.08 31.12
C GLU B 162 9.95 0.61 31.43
N LYS B 163 9.69 0.29 32.69
CA LYS B 163 9.73 -1.09 33.17
C LYS B 163 8.46 -1.46 33.90
N PRO B 164 7.36 -1.71 33.16
CA PRO B 164 6.18 -2.14 33.92
C PRO B 164 6.33 -3.58 34.42
N ASP B 165 5.50 -3.96 35.38
CA ASP B 165 5.58 -5.28 35.99
C ASP B 165 4.55 -6.15 35.29
N PRO B 166 5.02 -7.16 34.53
CA PRO B 166 4.07 -8.09 33.89
C PRO B 166 3.04 -8.71 34.83
N ASP B 167 3.45 -9.25 35.96
CA ASP B 167 2.51 -9.94 36.84
C ASP B 167 1.32 -9.04 37.21
N GLN B 168 1.62 -7.76 37.39
CA GLN B 168 0.63 -6.74 37.78
C GLN B 168 -0.03 -5.99 36.62
N THR B 169 0.75 -5.70 35.58
CA THR B 169 0.26 -4.93 34.43
C THR B 169 -0.79 -5.69 33.61
N PHE B 170 -0.60 -7.00 33.42
CA PHE B 170 -1.58 -7.79 32.69
C PHE B 170 -2.53 -8.57 33.58
N LYS B 171 -2.63 -8.17 34.84
CA LYS B 171 -3.64 -8.77 35.71
C LYS B 171 -4.98 -8.15 35.28
N PHE B 172 -6.00 -8.99 35.29
CA PHE B 172 -7.34 -8.72 34.84
C PHE B 172 -8.25 -7.89 35.76
N THR B 173 -8.46 -6.62 35.41
CA THR B 173 -9.32 -5.72 36.21
C THR B 173 -9.80 -4.54 35.36
N ALA B 195 -9.88 -16.59 30.74
CA ALA B 195 -9.24 -15.29 30.76
C ALA B 195 -7.90 -15.35 31.48
N GLU B 196 -7.91 -15.93 32.68
CA GLU B 196 -6.73 -16.11 33.51
C GLU B 196 -5.59 -16.81 32.77
N GLY B 197 -5.96 -17.69 31.84
CA GLY B 197 -5.02 -18.39 30.99
C GLY B 197 -4.28 -17.54 29.97
N LEU B 198 -4.96 -16.59 29.35
CA LEU B 198 -4.28 -15.73 28.40
C LEU B 198 -3.31 -14.84 29.17
N MET B 199 -3.83 -14.15 30.18
CA MET B 199 -3.01 -13.20 30.96
C MET B 199 -1.75 -13.86 31.53
N SER B 200 -1.91 -15.06 32.09
CA SER B 200 -0.80 -15.81 32.67
C SER B 200 0.25 -16.15 31.62
N LEU B 201 -0.20 -16.41 30.39
CA LEU B 201 0.72 -16.59 29.28
C LEU B 201 1.34 -15.25 28.91
N LEU B 202 0.51 -14.23 28.73
CA LEU B 202 0.96 -12.89 28.37
C LEU B 202 1.99 -12.33 29.35
N ARG B 203 1.72 -12.53 30.64
CA ARG B 203 2.61 -12.13 31.72
C ARG B 203 4.01 -12.73 31.66
N GLU B 204 4.09 -14.02 31.39
CA GLU B 204 5.38 -14.71 31.29
C GLU B 204 6.14 -14.26 30.05
N MET B 205 5.43 -14.11 28.94
CA MET B 205 6.01 -13.67 27.68
C MET B 205 6.44 -12.21 27.77
N GLY B 206 5.60 -11.41 28.44
CA GLY B 206 5.88 -10.01 28.69
C GLY B 206 7.09 -9.80 29.56
N LYS B 207 7.19 -10.60 30.63
CA LYS B 207 8.34 -10.58 31.52
C LYS B 207 9.62 -10.91 30.73
N GLY B 208 9.48 -11.78 29.73
CA GLY B 208 10.59 -12.17 28.90
C GLY B 208 11.03 -11.04 27.98
N TYR B 209 10.09 -10.43 27.28
CA TYR B 209 10.41 -9.34 26.36
C TYR B 209 11.05 -8.15 27.08
N LEU B 210 10.52 -7.83 28.27
CA LEU B 210 11.10 -6.78 29.10
C LEU B 210 12.57 -7.03 29.40
N ALA B 211 12.89 -8.28 29.70
CA ALA B 211 14.27 -8.67 30.01
C ALA B 211 15.14 -8.40 28.80
N LEU B 212 14.67 -8.83 27.64
CA LEU B 212 15.40 -8.64 26.39
C LEU B 212 15.61 -7.14 26.20
N CYS B 213 14.55 -6.37 26.44
CA CYS B 213 14.63 -4.91 26.31
C CYS B 213 15.56 -4.28 27.35
N SER B 214 15.54 -4.78 28.59
CA SER B 214 16.46 -4.30 29.62
C SER B 214 17.85 -4.90 29.47
N TYR B 215 18.00 -5.72 28.42
CA TYR B 215 19.25 -6.33 27.98
C TYR B 215 19.93 -7.32 28.94
N ASN B 216 19.16 -7.88 29.87
CA ASN B 216 19.57 -9.05 30.63
C ASN B 216 18.97 -10.23 29.86
N CYS B 217 19.69 -10.67 28.85
CA CYS B 217 19.20 -11.60 27.83
C CYS B 217 19.19 -13.04 28.31
N LYS B 218 20.23 -13.45 29.03
CA LYS B 218 20.27 -14.78 29.61
C LYS B 218 19.04 -15.01 30.49
N GLU B 219 18.55 -13.96 31.14
CA GLU B 219 17.30 -14.10 31.88
C GLU B 219 16.16 -14.25 30.88
N ALA B 220 16.12 -13.35 29.89
CA ALA B 220 15.06 -13.34 28.86
C ALA B 220 14.90 -14.69 28.16
N ILE B 221 16.03 -15.34 27.87
CA ILE B 221 16.01 -16.66 27.28
C ILE B 221 15.43 -17.68 28.25
N ASN B 222 15.93 -17.64 29.48
CA ASN B 222 15.51 -18.57 30.53
C ASN B 222 14.02 -18.50 30.82
N ILE B 223 13.50 -17.29 30.93
CA ILE B 223 12.14 -17.08 31.42
C ILE B 223 11.09 -17.34 30.36
N LEU B 224 11.42 -17.18 29.08
CA LEU B 224 10.45 -17.49 28.05
C LEU B 224 10.75 -18.82 27.35
N SER B 225 11.81 -19.49 27.76
CA SER B 225 11.98 -20.90 27.42
C SER B 225 11.38 -21.79 28.51
N HIS B 226 10.76 -21.16 29.51
CA HIS B 226 9.91 -21.87 30.46
C HIS B 226 8.46 -21.92 29.97
N LEU B 227 8.25 -21.38 28.79
CA LEU B 227 6.90 -21.29 28.21
C LEU B 227 6.50 -22.62 27.63
N PRO B 228 5.19 -22.89 27.56
CA PRO B 228 4.84 -24.19 26.99
C PRO B 228 5.36 -24.35 25.56
N SER B 229 5.82 -25.55 25.24
CA SER B 229 6.58 -25.79 24.03
C SER B 229 5.85 -25.46 22.70
N HIS B 230 4.50 -25.45 22.69
CA HIS B 230 3.73 -25.07 21.49
C HIS B 230 3.53 -23.56 21.33
N HIS B 231 3.97 -22.82 22.34
CA HIS B 231 4.10 -21.38 22.21
C HIS B 231 5.58 -21.00 22.20
N TYR B 232 6.38 -21.97 22.58
CA TYR B 232 7.82 -21.83 22.46
C TYR B 232 8.16 -21.90 20.99
N ASN B 233 7.53 -22.85 20.29
CA ASN B 233 7.80 -23.10 18.87
C ASN B 233 7.05 -22.20 17.90
N THR B 234 6.36 -21.18 18.39
CA THR B 234 5.96 -20.07 17.55
C THR B 234 7.15 -19.24 17.10
N GLY B 235 7.00 -18.55 15.98
CA GLY B 235 8.08 -17.79 15.38
C GLY B 235 8.52 -16.62 16.23
N TRP B 236 7.56 -15.89 16.78
CA TRP B 236 7.83 -14.71 17.59
C TRP B 236 8.73 -15.00 18.78
N VAL B 237 8.39 -16.03 19.54
CA VAL B 237 9.19 -16.44 20.70
C VAL B 237 10.61 -16.82 20.30
N LEU B 238 10.74 -17.73 19.34
CA LEU B 238 12.06 -18.11 18.84
C LEU B 238 12.85 -16.87 18.42
N CYS B 239 12.16 -15.94 17.76
CA CYS B 239 12.80 -14.72 17.28
C CYS B 239 13.43 -13.91 18.41
N GLN B 240 12.69 -13.77 19.51
CA GLN B 240 13.17 -13.06 20.68
C GLN B 240 14.39 -13.76 21.27
N ILE B 241 14.34 -15.08 21.27
CA ILE B 241 15.45 -15.91 21.73
C ILE B 241 16.64 -15.68 20.81
N GLY B 242 16.39 -15.79 19.50
CA GLY B 242 17.38 -15.51 18.49
C GLY B 242 17.94 -14.12 18.66
N ARG B 243 17.04 -13.17 18.93
CA ARG B 243 17.42 -11.79 19.21
C ARG B 243 18.38 -11.73 20.39
N ALA B 244 18.04 -12.46 21.45
CA ALA B 244 18.83 -12.52 22.67
C ALA B 244 20.24 -13.08 22.43
N TYR B 245 20.33 -14.24 21.80
CA TYR B 245 21.62 -14.83 21.44
C TYR B 245 22.57 -13.94 20.64
N PHE B 246 22.05 -12.95 19.94
CA PHE B 246 22.94 -12.05 19.21
C PHE B 246 23.51 -11.07 20.21
N GLU B 247 22.69 -10.72 21.19
CA GLU B 247 23.02 -9.80 22.27
C GLU B 247 23.98 -10.39 23.31
N LEU B 248 23.87 -11.71 23.50
CA LEU B 248 24.93 -12.51 24.13
C LEU B 248 26.13 -12.81 23.26
N SER B 249 26.09 -12.33 22.02
CA SER B 249 27.10 -12.62 21.00
C SER B 249 27.29 -14.12 20.79
N GLU B 250 26.29 -14.91 21.16
CA GLU B 250 26.32 -16.35 20.94
C GLU B 250 25.91 -16.50 19.49
N TYR B 251 26.83 -16.25 18.57
CA TYR B 251 26.44 -16.19 17.16
C TYR B 251 26.03 -17.52 16.54
N MET B 252 26.68 -18.62 16.92
CA MET B 252 26.38 -19.89 16.29
C MET B 252 25.08 -20.49 16.80
N GLN B 253 24.78 -20.23 18.07
CA GLN B 253 23.49 -20.58 18.67
C GLN B 253 22.34 -19.72 18.15
N ALA B 254 22.66 -18.48 17.82
CA ALA B 254 21.68 -17.54 17.26
C ALA B 254 21.14 -18.05 15.93
N GLU B 255 22.05 -18.38 15.03
CA GLU B 255 21.66 -18.85 13.71
C GLU B 255 20.94 -20.20 13.77
N ARG B 256 21.20 -20.97 14.84
CA ARG B 256 20.42 -22.16 15.13
C ARG B 256 18.93 -21.84 15.29
N ILE B 257 18.64 -20.85 16.14
CA ILE B 257 17.27 -20.48 16.46
C ILE B 257 16.54 -19.81 15.30
N PHE B 258 17.24 -18.90 14.62
CA PHE B 258 16.66 -18.24 13.46
C PHE B 258 16.33 -19.24 12.36
N SER B 259 17.34 -20.01 11.93
CA SER B 259 17.14 -21.09 10.96
C SER B 259 15.87 -21.90 11.23
N GLU B 260 15.60 -22.16 12.51
CA GLU B 260 14.36 -22.83 12.89
C GLU B 260 13.16 -21.94 12.66
N VAL B 261 13.25 -20.70 13.13
CA VAL B 261 12.20 -19.70 12.95
C VAL B 261 11.87 -19.48 11.48
N ARG B 262 12.87 -19.63 10.62
CA ARG B 262 12.68 -19.63 9.18
C ARG B 262 11.84 -20.81 8.72
N ARG B 263 12.15 -21.98 9.24
CA ARG B 263 11.44 -23.21 8.88
C ARG B 263 9.99 -23.13 9.33
N ILE B 264 9.80 -22.73 10.58
CA ILE B 264 8.47 -22.52 11.13
C ILE B 264 7.68 -21.45 10.38
N GLU B 265 8.29 -20.28 10.24
CA GLU B 265 7.59 -19.06 9.85
C GLU B 265 8.30 -18.32 8.68
N ASN B 266 8.40 -18.93 7.50
CA ASN B 266 9.08 -18.33 6.33
C ASN B 266 8.50 -16.99 5.87
N TYR B 267 7.32 -16.67 6.36
CA TYR B 267 6.71 -15.39 6.09
C TYR B 267 7.09 -14.29 7.05
N ARG B 268 7.77 -14.64 8.12
CA ARG B 268 8.20 -13.65 9.10
C ARG B 268 9.37 -12.91 8.52
N VAL B 269 9.31 -11.59 8.52
CA VAL B 269 10.47 -10.77 8.22
C VAL B 269 10.92 -10.07 9.51
N GLU B 270 9.95 -9.71 10.35
CA GLU B 270 10.20 -9.14 11.67
C GLU B 270 11.27 -9.90 12.44
N GLY B 271 12.38 -9.23 12.74
CA GLY B 271 13.43 -9.80 13.56
C GLY B 271 14.45 -10.61 12.78
N MET B 272 14.44 -10.46 11.45
CA MET B 272 15.34 -11.25 10.63
C MET B 272 16.41 -10.35 10.02
N GLU B 273 16.26 -9.04 10.20
CA GLU B 273 17.36 -8.11 9.98
C GLU B 273 18.60 -8.49 10.78
N ILE B 274 18.41 -8.97 12.01
CA ILE B 274 19.50 -9.26 12.92
C ILE B 274 20.00 -10.68 12.69
N TYR B 275 19.15 -11.51 12.08
CA TYR B 275 19.59 -12.80 11.57
C TYR B 275 20.63 -12.58 10.47
N SER B 276 20.37 -11.58 9.64
CA SER B 276 21.29 -11.20 8.58
C SER B 276 22.62 -10.77 9.19
N THR B 277 22.53 -9.98 10.27
CA THR B 277 23.71 -9.48 10.96
C THR B 277 24.44 -10.60 11.69
N THR B 278 23.70 -11.66 12.05
CA THR B 278 24.31 -12.87 12.58
C THR B 278 25.13 -13.55 11.51
N LEU B 279 24.54 -13.68 10.33
CA LEU B 279 25.22 -14.32 9.21
C LEU B 279 26.32 -13.43 8.64
N TRP B 280 26.35 -12.17 9.05
CA TRP B 280 27.43 -11.26 8.68
C TRP B 280 28.66 -11.32 9.61
N HIS B 281 28.43 -11.45 10.93
CA HIS B 281 29.52 -11.60 11.89
C HIS B 281 30.26 -12.91 11.73
N LEU B 282 29.51 -14.02 11.81
CA LEU B 282 29.94 -15.26 11.18
C LEU B 282 30.06 -14.89 9.71
N GLN B 283 31.03 -15.44 8.98
CA GLN B 283 31.21 -14.97 7.61
C GLN B 283 30.62 -15.94 6.59
N LYS B 284 29.29 -15.94 6.52
CA LYS B 284 28.55 -16.88 5.70
C LYS B 284 27.82 -16.20 4.54
N ASP B 285 28.59 -15.59 3.63
CA ASP B 285 28.02 -14.95 2.44
C ASP B 285 27.08 -15.91 1.69
N VAL B 286 27.42 -17.20 1.70
CA VAL B 286 26.58 -18.25 1.15
C VAL B 286 25.13 -18.20 1.66
N ALA B 287 24.97 -18.14 2.98
CA ALA B 287 23.65 -18.21 3.62
C ALA B 287 22.98 -16.85 3.60
N LEU B 288 23.79 -15.80 3.75
CA LEU B 288 23.29 -14.43 3.69
C LEU B 288 22.76 -14.12 2.29
N SER B 289 23.27 -14.83 1.30
CA SER B 289 22.73 -14.71 -0.06
C SER B 289 21.35 -15.36 -0.17
N VAL B 290 21.24 -16.60 0.27
CA VAL B 290 19.95 -17.29 0.34
C VAL B 290 18.90 -16.44 1.05
N LEU B 291 19.31 -15.88 2.20
CA LEU B 291 18.41 -15.14 3.07
C LEU B 291 17.90 -13.87 2.39
N SER B 292 18.83 -13.10 1.84
CA SER B 292 18.51 -11.82 1.22
C SER B 292 17.65 -11.95 -0.03
N LYS B 293 18.02 -12.89 -0.90
CA LYS B 293 17.22 -13.17 -2.09
C LYS B 293 15.76 -13.44 -1.72
N ASP B 294 15.57 -14.39 -0.81
CA ASP B 294 14.26 -14.77 -0.29
C ASP B 294 13.44 -13.60 0.27
N LEU B 295 14.03 -12.84 1.19
CA LEU B 295 13.33 -11.76 1.88
C LEU B 295 13.02 -10.60 0.94
N THR B 296 13.97 -10.27 0.07
CA THR B 296 13.85 -9.13 -0.82
C THR B 296 12.57 -9.28 -1.62
N ASP B 297 12.45 -10.41 -2.32
CA ASP B 297 11.36 -10.60 -3.26
C ASP B 297 10.18 -11.30 -2.59
N MET B 298 10.23 -11.43 -1.27
CA MET B 298 9.03 -11.75 -0.51
C MET B 298 8.32 -10.46 -0.11
N ASP B 299 9.11 -9.47 0.30
CA ASP B 299 8.60 -8.20 0.79
C ASP B 299 9.54 -7.03 0.44
N LYS B 300 9.39 -6.47 -0.75
CA LYS B 300 10.19 -5.30 -1.13
C LYS B 300 10.00 -4.07 -0.23
N ASN B 301 8.85 -3.99 0.45
CA ASN B 301 8.54 -2.85 1.30
C ASN B 301 8.96 -3.02 2.76
N SER B 302 9.65 -4.11 3.05
CA SER B 302 10.15 -4.30 4.40
C SER B 302 11.61 -3.85 4.40
N PRO B 303 11.97 -3.01 5.37
CA PRO B 303 13.35 -2.58 5.54
C PRO B 303 14.25 -3.71 6.01
N GLU B 304 13.69 -4.65 6.78
CA GLU B 304 14.45 -5.82 7.20
C GLU B 304 15.03 -6.55 5.99
N ALA B 305 14.25 -6.66 4.93
CA ALA B 305 14.72 -7.31 3.70
C ALA B 305 15.85 -6.54 3.03
N TRP B 306 15.81 -5.21 3.11
CA TRP B 306 16.85 -4.40 2.49
C TRP B 306 18.09 -4.29 3.37
N CYS B 307 17.88 -4.30 4.69
CA CYS B 307 18.96 -4.47 5.64
C CYS B 307 19.66 -5.82 5.42
N ALA B 308 18.86 -6.82 5.07
CA ALA B 308 19.40 -8.16 4.80
C ALA B 308 20.29 -8.14 3.56
N ALA B 309 19.78 -7.57 2.47
CA ALA B 309 20.55 -7.44 1.24
C ALA B 309 21.72 -6.48 1.42
N GLY B 310 21.54 -5.46 2.25
CA GLY B 310 22.60 -4.53 2.56
C GLY B 310 23.83 -5.15 3.22
N ASN B 311 23.59 -6.01 4.21
CA ASN B 311 24.67 -6.79 4.81
C ASN B 311 25.34 -7.74 3.83
N CYS B 312 24.52 -8.43 3.04
CA CYS B 312 24.99 -9.42 2.07
C CYS B 312 26.10 -8.88 1.17
N PHE B 313 25.85 -7.70 0.59
CA PHE B 313 26.77 -7.09 -0.37
C PHE B 313 27.95 -6.41 0.33
N SER B 314 27.80 -6.16 1.62
CA SER B 314 28.89 -5.65 2.45
C SER B 314 29.98 -6.71 2.55
N LEU B 315 29.56 -7.94 2.84
CA LEU B 315 30.44 -9.11 2.86
C LEU B 315 31.17 -9.30 1.53
N GLN B 316 30.44 -9.20 0.43
CA GLN B 316 31.00 -9.35 -0.92
C GLN B 316 31.97 -8.22 -1.29
N ARG B 317 32.16 -7.29 -0.36
CA ARG B 317 33.05 -6.13 -0.50
C ARG B 317 32.61 -5.20 -1.62
N GLU B 318 31.30 -5.01 -1.72
CA GLU B 318 30.72 -4.00 -2.58
C GLU B 318 30.10 -2.93 -1.68
N HIS B 319 30.91 -1.94 -1.28
CA HIS B 319 30.48 -0.90 -0.33
C HIS B 319 29.37 -0.04 -0.93
N ASP B 320 29.51 0.29 -2.21
CA ASP B 320 28.56 1.06 -2.99
C ASP B 320 27.23 0.37 -3.12
N ILE B 321 27.28 -0.92 -3.36
CA ILE B 321 26.06 -1.70 -3.51
C ILE B 321 25.40 -1.87 -2.15
N ALA B 322 26.24 -1.94 -1.11
CA ALA B 322 25.78 -2.05 0.27
C ALA B 322 24.99 -0.81 0.73
N ILE B 323 25.57 0.37 0.54
CA ILE B 323 24.91 1.61 0.92
C ILE B 323 23.67 1.90 0.08
N LYS B 324 23.67 1.41 -1.16
CA LYS B 324 22.51 1.52 -2.04
C LYS B 324 21.30 0.91 -1.34
N PHE B 325 21.51 -0.28 -0.78
CA PHE B 325 20.46 -1.04 -0.12
C PHE B 325 20.04 -0.45 1.22
N PHE B 326 21.01 -0.12 2.07
CA PHE B 326 20.70 0.50 3.35
C PHE B 326 19.84 1.77 3.23
N GLN B 327 20.07 2.58 2.20
CA GLN B 327 19.23 3.76 1.98
C GLN B 327 17.81 3.38 1.57
N ARG B 328 17.69 2.32 0.79
CA ARG B 328 16.39 1.80 0.42
C ARG B 328 15.63 1.30 1.63
N ALA B 329 16.35 0.68 2.58
CA ALA B 329 15.72 0.24 3.82
C ALA B 329 15.14 1.47 4.50
N ILE B 330 15.98 2.50 4.60
CA ILE B 330 15.59 3.80 5.12
C ILE B 330 14.48 4.42 4.27
N GLN B 331 14.59 4.25 2.96
CA GLN B 331 13.59 4.77 2.02
C GLN B 331 12.24 4.15 2.30
N VAL B 332 12.24 2.84 2.58
CA VAL B 332 11.00 2.11 2.79
C VAL B 332 10.44 2.42 4.17
N ASP B 333 11.31 2.61 5.15
CA ASP B 333 10.89 3.01 6.49
C ASP B 333 11.88 3.98 7.14
N PRO B 334 11.66 5.30 6.95
CA PRO B 334 12.56 6.29 7.56
C PRO B 334 12.56 6.27 9.09
N ASN B 335 11.59 5.58 9.69
CA ASN B 335 11.58 5.38 11.13
C ASN B 335 12.05 3.99 11.51
N TYR B 336 13.06 3.51 10.81
CA TYR B 336 13.64 2.19 11.05
C TYR B 336 15.10 2.42 11.38
N ALA B 337 15.37 2.65 12.66
CA ALA B 337 16.68 3.06 13.15
C ALA B 337 17.84 2.16 12.72
N TYR B 338 17.61 0.86 12.72
CA TYR B 338 18.68 -0.11 12.49
C TYR B 338 19.34 -0.01 11.12
N ALA B 339 18.60 0.52 10.15
CA ALA B 339 19.14 0.76 8.81
C ALA B 339 20.10 1.94 8.80
N TYR B 340 19.82 2.94 9.63
CA TYR B 340 20.70 4.09 9.77
C TYR B 340 22.06 3.70 10.35
N THR B 341 22.05 2.83 11.36
CA THR B 341 23.29 2.38 12.00
C THR B 341 24.13 1.46 11.13
N LEU B 342 23.48 0.66 10.28
CA LEU B 342 24.18 -0.23 9.37
C LEU B 342 24.82 0.53 8.21
N LEU B 343 24.16 1.60 7.79
CA LEU B 343 24.74 2.51 6.81
C LEU B 343 25.98 3.13 7.43
N GLY B 344 25.84 3.56 8.68
CA GLY B 344 26.93 4.13 9.44
C GLY B 344 28.17 3.26 9.43
N HIS B 345 28.04 2.03 9.89
CA HIS B 345 29.17 1.09 9.89
C HIS B 345 29.75 0.93 8.50
N GLU B 346 28.88 0.86 7.49
CA GLU B 346 29.33 0.72 6.11
C GLU B 346 30.08 1.96 5.62
N PHE B 347 29.75 3.11 6.20
CA PHE B 347 30.46 4.35 5.92
C PHE B 347 31.80 4.45 6.62
N VAL B 348 31.89 3.93 7.85
CA VAL B 348 33.16 3.99 8.57
C VAL B 348 34.17 3.11 7.83
N LEU B 349 33.73 1.94 7.36
CA LEU B 349 34.59 1.08 6.56
C LEU B 349 35.20 1.84 5.39
N THR B 350 34.40 2.66 4.72
CA THR B 350 34.90 3.49 3.62
C THR B 350 35.49 4.81 4.12
N GLU B 351 35.77 4.88 5.43
CA GLU B 351 36.30 6.09 6.07
C GLU B 351 35.64 7.39 5.60
N GLU B 352 34.31 7.39 5.56
CA GLU B 352 33.56 8.60 5.25
C GLU B 352 32.79 9.05 6.49
N LEU B 353 33.53 9.56 7.47
CA LEU B 353 33.04 9.68 8.83
C LEU B 353 32.03 10.81 8.98
N ASP B 354 32.15 11.86 8.17
CA ASP B 354 31.15 12.92 8.19
C ASP B 354 29.77 12.35 7.86
N LYS B 355 29.73 11.47 6.88
CA LYS B 355 28.49 10.82 6.49
C LYS B 355 28.07 9.79 7.55
N ALA B 356 29.06 9.11 8.12
CA ALA B 356 28.81 8.12 9.16
C ALA B 356 28.26 8.72 10.45
N LEU B 357 28.77 9.88 10.85
CA LEU B 357 28.25 10.57 12.03
C LEU B 357 26.79 10.98 11.86
N ALA B 358 26.44 11.37 10.64
CA ALA B 358 25.08 11.79 10.30
C ALA B 358 24.07 10.65 10.45
N CYS B 359 24.42 9.49 9.91
CA CYS B 359 23.58 8.30 10.03
C CYS B 359 23.35 7.99 11.50
N PHE B 360 24.44 7.87 12.26
CA PHE B 360 24.34 7.55 13.68
C PHE B 360 23.54 8.65 14.37
N ARG B 361 23.83 9.90 14.01
CA ARG B 361 23.10 11.05 14.55
C ARG B 361 21.64 10.93 14.19
N ASN B 362 21.37 10.57 12.94
CA ASN B 362 20.00 10.33 12.51
C ASN B 362 19.38 9.17 13.28
N ALA B 363 20.16 8.10 13.42
CA ALA B 363 19.78 6.92 14.19
C ALA B 363 19.27 7.18 15.61
N ILE B 364 19.95 8.06 16.35
CA ILE B 364 19.54 8.35 17.73
C ILE B 364 18.26 9.19 17.84
N ARG B 365 18.10 10.19 16.97
CA ARG B 365 16.85 10.96 16.89
C ARG B 365 15.68 9.98 16.78
N VAL B 366 15.91 9.01 15.88
CA VAL B 366 15.04 7.94 15.46
C VAL B 366 14.88 6.95 16.59
N ASN B 367 15.99 6.60 17.22
CA ASN B 367 15.95 5.71 18.35
C ASN B 367 16.66 6.19 19.57
N PRO B 368 15.84 6.65 20.53
CA PRO B 368 16.24 7.18 21.80
C PRO B 368 17.01 6.17 22.65
N ARG B 369 16.46 4.97 22.86
CA ARG B 369 17.11 3.87 23.59
C ARG B 369 17.97 2.86 22.78
N HIS B 370 18.61 3.31 21.71
CA HIS B 370 19.45 2.46 20.82
C HIS B 370 20.97 2.49 20.96
N TYR B 371 21.53 1.57 21.74
CA TYR B 371 22.97 1.54 22.03
C TYR B 371 23.82 1.59 20.75
N ASN B 372 23.39 0.92 19.69
CA ASN B 372 24.18 0.78 18.46
C ASN B 372 24.81 2.08 17.95
N ALA B 373 24.05 3.16 17.92
CA ALA B 373 24.51 4.40 17.34
C ALA B 373 25.43 5.12 18.32
N TRP B 374 24.93 5.26 19.54
CA TRP B 374 25.68 5.84 20.66
C TRP B 374 27.10 5.29 20.71
N TYR B 375 27.22 3.97 20.70
CA TYR B 375 28.52 3.33 20.71
C TYR B 375 29.23 3.54 19.38
N GLY B 376 28.48 3.36 18.29
CA GLY B 376 28.98 3.62 16.95
C GLY B 376 29.66 4.97 16.82
N LEU B 377 29.02 6.00 17.35
CA LEU B 377 29.62 7.33 17.43
C LEU B 377 30.85 7.33 18.30
N GLY B 378 30.70 6.80 19.52
CA GLY B 378 31.80 6.63 20.45
C GLY B 378 33.08 6.12 19.80
N MET B 379 32.97 5.03 19.04
CA MET B 379 34.13 4.44 18.39
C MET B 379 34.74 5.40 17.38
N ILE B 380 33.90 6.23 16.77
CA ILE B 380 34.37 7.24 15.83
C ILE B 380 35.13 8.34 16.56
N TYR B 381 34.55 8.82 17.64
CA TYR B 381 35.17 9.86 18.47
C TYR B 381 36.42 9.36 19.17
N TYR B 382 36.50 8.05 19.39
CA TYR B 382 37.69 7.43 19.96
C TYR B 382 38.84 7.37 18.95
N LYS B 383 38.50 7.12 17.69
CA LYS B 383 39.49 7.12 16.62
C LYS B 383 39.91 8.54 16.27
N GLN B 384 39.08 9.51 16.62
CA GLN B 384 39.43 10.93 16.46
C GLN B 384 40.15 11.48 17.68
N GLU B 385 40.50 10.59 18.62
CA GLU B 385 41.18 10.96 19.86
C GLU B 385 40.42 11.96 20.72
N LYS B 386 39.12 12.05 20.53
CA LYS B 386 38.30 13.00 21.28
C LYS B 386 37.62 12.26 22.42
N PHE B 387 38.42 11.81 23.38
CA PHE B 387 37.96 10.85 24.37
C PHE B 387 36.96 11.47 25.33
N SER B 388 37.01 12.80 25.47
CA SER B 388 36.03 13.50 26.29
C SER B 388 34.62 13.27 25.75
N LEU B 389 34.49 13.37 24.44
CA LEU B 389 33.21 13.08 23.80
C LEU B 389 32.91 11.58 23.88
N ALA B 390 33.84 10.78 23.35
CA ALA B 390 33.70 9.31 23.30
C ALA B 390 33.14 8.71 24.59
N GLU B 391 33.66 9.19 25.73
CA GLU B 391 33.19 8.80 27.05
C GLU B 391 31.67 8.94 27.15
N MET B 392 31.23 10.20 27.02
CA MET B 392 29.83 10.58 27.22
C MET B 392 28.91 9.71 26.36
N HIS B 393 29.41 9.36 25.17
CA HIS B 393 28.72 8.50 24.23
C HIS B 393 28.69 7.04 24.67
N PHE B 394 29.86 6.46 24.97
CA PHE B 394 29.94 5.10 25.48
C PHE B 394 29.07 4.86 26.71
N GLN B 395 28.98 5.85 27.59
CA GLN B 395 28.12 5.75 28.76
C GLN B 395 26.66 5.50 28.31
N LYS B 396 26.19 6.31 27.36
CA LYS B 396 24.82 6.22 26.88
C LYS B 396 24.50 4.87 26.23
N ALA B 397 25.47 4.33 25.50
CA ALA B 397 25.30 3.03 24.87
C ALA B 397 25.32 1.96 25.96
N LEU B 398 26.31 2.05 26.83
CA LEU B 398 26.49 1.09 27.92
C LEU B 398 25.44 1.23 29.02
N ASP B 399 24.78 2.39 29.12
CA ASP B 399 23.59 2.49 29.97
C ASP B 399 22.47 1.62 29.44
N ILE B 400 22.24 1.66 28.13
CA ILE B 400 21.17 0.87 27.52
C ILE B 400 21.52 -0.62 27.56
N ASN B 401 22.70 -0.96 27.07
CA ASN B 401 23.15 -2.35 27.00
C ASN B 401 24.62 -2.40 27.44
N PRO B 402 24.90 -3.05 28.58
CA PRO B 402 26.26 -3.11 29.11
C PRO B 402 27.29 -3.81 28.24
N GLN B 403 26.88 -4.82 27.47
CA GLN B 403 27.83 -5.63 26.72
C GLN B 403 28.12 -5.11 25.31
N SER B 404 27.82 -3.84 25.03
CA SER B 404 27.72 -3.40 23.64
C SER B 404 29.08 -3.42 22.96
N SER B 405 30.14 -3.33 23.76
CA SER B 405 31.51 -3.31 23.25
C SER B 405 31.83 -4.57 22.44
N VAL B 406 31.48 -5.74 22.99
CA VAL B 406 31.82 -7.02 22.40
C VAL B 406 31.31 -7.15 20.95
N LEU B 407 30.09 -6.68 20.73
CA LEU B 407 29.48 -6.74 19.40
C LEU B 407 30.13 -5.69 18.51
N LEU B 408 30.23 -4.46 19.02
CA LEU B 408 30.71 -3.34 18.23
C LEU B 408 32.20 -3.46 17.94
N CYS B 409 32.96 -4.01 18.89
CA CYS B 409 34.37 -4.29 18.68
C CYS B 409 34.58 -5.44 17.69
N HIS B 410 33.66 -6.40 17.69
CA HIS B 410 33.69 -7.48 16.71
C HIS B 410 33.52 -6.94 15.29
N ILE B 411 32.62 -5.98 15.12
CA ILE B 411 32.39 -5.36 13.82
C ILE B 411 33.69 -4.95 13.15
N GLY B 412 34.54 -4.27 13.92
CA GLY B 412 35.83 -3.81 13.43
C GLY B 412 36.78 -4.92 13.02
N VAL B 413 36.72 -6.05 13.71
CA VAL B 413 37.61 -7.16 13.39
C VAL B 413 37.16 -7.88 12.14
N VAL B 414 35.85 -7.85 11.88
CA VAL B 414 35.32 -8.42 10.66
C VAL B 414 35.58 -7.49 9.48
N GLN B 415 35.21 -6.22 9.67
CA GLN B 415 35.51 -5.15 8.72
C GLN B 415 36.95 -5.15 8.21
N HIS B 416 37.89 -5.44 9.10
CA HIS B 416 39.31 -5.48 8.77
C HIS B 416 39.70 -6.64 7.85
N ALA B 417 39.08 -7.80 8.06
CA ALA B 417 39.25 -8.93 7.15
C ALA B 417 38.65 -8.63 5.78
N THR B 427 50.65 6.35 21.02
CA THR B 427 49.32 6.57 21.57
C THR B 427 49.13 5.80 22.88
N LEU B 428 49.86 4.70 23.01
CA LEU B 428 49.82 3.80 24.18
C LEU B 428 49.86 4.52 25.53
N ASN B 429 50.57 5.65 25.56
CA ASN B 429 50.58 6.53 26.73
C ASN B 429 49.39 7.49 26.77
N LYS B 430 49.04 8.03 25.59
CA LYS B 430 47.96 9.02 25.47
C LYS B 430 46.74 8.59 26.28
N ALA B 431 46.09 7.51 25.85
CA ALA B 431 44.84 7.05 26.44
C ALA B 431 44.99 6.59 27.89
N ILE B 432 46.23 6.31 28.30
CA ILE B 432 46.52 5.96 29.69
C ILE B 432 46.37 7.17 30.60
N VAL B 433 46.80 8.33 30.11
CA VAL B 433 46.66 9.58 30.84
C VAL B 433 45.20 10.01 30.90
N ILE B 434 44.52 9.95 29.75
CA ILE B 434 43.08 10.13 29.73
C ILE B 434 42.35 9.14 30.66
N ASP B 435 42.82 7.89 30.70
CA ASP B 435 42.24 6.84 31.56
C ASP B 435 42.10 7.22 33.03
N PRO B 436 42.83 8.26 33.48
CA PRO B 436 42.55 8.79 34.81
C PRO B 436 41.15 9.42 34.87
N LYS B 437 40.95 10.47 34.07
CA LYS B 437 39.67 11.18 34.06
C LYS B 437 38.60 10.44 33.26
N ASN B 438 39.06 9.73 32.22
CA ASN B 438 38.18 9.09 31.21
C ASN B 438 38.19 7.55 31.13
N PRO B 439 37.55 6.86 32.10
CA PRO B 439 37.56 5.40 32.18
C PRO B 439 36.97 4.62 31.00
N LEU B 440 35.82 5.06 30.47
CA LEU B 440 35.17 4.34 29.38
C LEU B 440 36.01 4.19 28.11
N CYS B 441 36.76 5.22 27.75
CA CYS B 441 37.67 5.16 26.61
C CYS B 441 38.75 4.09 26.75
N LYS B 442 39.21 3.89 27.98
CA LYS B 442 40.16 2.82 28.31
C LYS B 442 39.57 1.41 28.19
N PHE B 443 38.36 1.24 28.70
CA PHE B 443 37.64 -0.02 28.59
C PHE B 443 37.45 -0.47 27.13
N HIS B 444 37.07 0.47 26.28
CA HIS B 444 36.86 0.17 24.87
C HIS B 444 38.16 -0.24 24.20
N ARG B 445 39.27 0.38 24.62
CA ARG B 445 40.57 0.03 24.09
C ARG B 445 40.95 -1.40 24.46
N ALA B 446 40.61 -1.81 25.69
CA ALA B 446 40.83 -3.18 26.12
C ALA B 446 39.88 -4.15 25.40
N SER B 447 38.66 -3.68 25.15
CA SER B 447 37.67 -4.49 24.45
C SER B 447 38.07 -4.77 23.01
N VAL B 448 38.57 -3.74 22.32
CA VAL B 448 39.03 -3.91 20.95
C VAL B 448 40.27 -4.80 20.84
N LEU B 449 41.08 -4.81 21.88
CA LEU B 449 42.22 -5.72 21.97
C LEU B 449 41.81 -7.17 22.21
N PHE B 450 40.78 -7.34 23.05
CA PHE B 450 40.17 -8.63 23.32
C PHE B 450 39.44 -9.16 22.07
N ALA B 451 38.89 -8.24 21.30
CA ALA B 451 38.16 -8.58 20.07
C ALA B 451 39.12 -9.10 19.01
N ASN B 452 40.30 -8.50 18.95
CA ASN B 452 41.46 -9.12 18.29
C ASN B 452 41.98 -10.24 19.17
N GLU B 453 42.97 -11.01 18.71
CA GLU B 453 43.37 -12.19 19.46
C GLU B 453 44.33 -11.87 20.61
N LYS B 454 44.51 -10.58 20.88
CA LYS B 454 45.57 -10.11 21.75
C LYS B 454 45.11 -10.23 23.21
N TYR B 455 45.02 -11.44 23.73
CA TYR B 455 44.40 -11.67 25.04
C TYR B 455 45.26 -11.26 26.22
N LYS B 456 46.56 -11.53 26.14
CA LYS B 456 47.51 -11.16 27.20
C LYS B 456 47.59 -9.65 27.45
N SER B 457 47.85 -8.91 26.38
CA SER B 457 47.97 -7.46 26.41
C SER B 457 46.73 -6.76 26.99
N ALA B 458 45.57 -7.38 26.82
CA ALA B 458 44.32 -6.80 27.29
C ALA B 458 44.16 -6.92 28.81
N LEU B 459 44.69 -8.00 29.39
CA LEU B 459 44.59 -8.18 30.84
C LEU B 459 45.46 -7.16 31.57
N GLN B 460 46.72 -7.06 31.15
CA GLN B 460 47.63 -6.02 31.61
C GLN B 460 46.99 -4.62 31.64
N GLU B 461 46.37 -4.24 30.52
CA GLU B 461 45.73 -2.94 30.41
C GLU B 461 44.45 -2.84 31.24
N LEU B 462 43.75 -3.95 31.37
CA LEU B 462 42.53 -3.99 32.16
C LEU B 462 42.82 -3.99 33.65
N GLU B 463 44.01 -4.44 34.03
CA GLU B 463 44.45 -4.37 35.42
C GLU B 463 44.73 -2.93 35.81
N GLU B 464 45.54 -2.25 35.01
CA GLU B 464 45.81 -0.82 35.18
C GLU B 464 44.54 0.03 35.31
N LEU B 465 43.55 -0.26 34.47
CA LEU B 465 42.26 0.43 34.50
C LEU B 465 41.44 0.02 35.73
N LYS B 466 41.60 -1.24 36.12
CA LYS B 466 40.93 -1.82 37.29
C LYS B 466 41.29 -1.11 38.58
N GLN B 467 42.51 -0.57 38.64
CA GLN B 467 42.91 0.21 39.79
C GLN B 467 42.15 1.52 39.79
N ILE B 468 42.01 2.13 38.60
CA ILE B 468 41.34 3.42 38.48
C ILE B 468 39.86 3.33 38.88
N VAL B 469 39.19 2.25 38.48
CA VAL B 469 37.87 1.95 39.03
C VAL B 469 37.93 0.72 39.90
N PRO B 470 37.80 0.89 41.23
CA PRO B 470 37.80 -0.29 42.11
C PRO B 470 36.65 -1.23 41.78
N LYS B 471 35.47 -0.64 41.65
CA LYS B 471 34.23 -1.39 41.62
C LYS B 471 33.38 -1.07 40.40
N GLU B 472 33.45 -1.94 39.40
CA GLU B 472 32.61 -1.82 38.23
C GLU B 472 32.36 -3.24 37.73
N SER B 473 31.10 -3.64 37.80
CA SER B 473 30.65 -4.97 37.42
C SER B 473 31.15 -5.32 36.03
N LEU B 474 31.05 -4.33 35.14
CA LEU B 474 31.46 -4.44 33.75
C LEU B 474 32.85 -5.04 33.63
N VAL B 475 33.77 -4.49 34.42
CA VAL B 475 35.18 -4.86 34.39
C VAL B 475 35.46 -6.29 34.83
N TYR B 476 34.70 -6.79 35.80
CA TYR B 476 34.92 -8.16 36.27
C TYR B 476 34.34 -9.13 35.25
N PHE B 477 33.29 -8.70 34.55
CA PHE B 477 32.71 -9.46 33.46
C PHE B 477 33.78 -9.70 32.38
N LEU B 478 34.40 -8.62 31.93
CA LEU B 478 35.38 -8.68 30.84
C LEU B 478 36.62 -9.49 31.22
N ILE B 479 36.82 -9.72 32.52
CA ILE B 479 37.90 -10.58 32.99
C ILE B 479 37.52 -12.04 32.75
N GLY B 480 36.31 -12.40 33.17
CA GLY B 480 35.73 -13.71 32.93
C GLY B 480 35.66 -14.02 31.44
N LYS B 481 35.31 -12.99 30.67
CA LYS B 481 35.24 -13.07 29.21
C LYS B 481 36.55 -13.56 28.59
N VAL B 482 37.65 -13.00 29.11
CA VAL B 482 39.02 -13.28 28.66
C VAL B 482 39.60 -14.58 29.21
N TYR B 483 39.12 -14.98 30.39
CA TYR B 483 39.48 -16.24 31.04
C TYR B 483 38.98 -17.49 30.33
N LYS B 484 37.89 -17.37 29.58
CA LYS B 484 37.37 -18.47 28.76
C LYS B 484 38.46 -18.83 27.76
N LYS B 485 39.06 -17.79 27.17
CA LYS B 485 40.11 -17.95 26.16
C LYS B 485 41.35 -18.43 26.89
N LEU B 486 41.31 -18.33 28.22
CA LEU B 486 42.50 -18.62 28.96
C LEU B 486 42.47 -20.08 29.39
N GLY B 487 41.43 -20.63 29.98
CA GLY B 487 41.63 -22.06 30.23
C GLY B 487 40.98 -22.41 31.57
N GLN B 488 41.31 -21.40 32.39
CA GLN B 488 41.20 -21.24 33.85
C GLN B 488 39.79 -21.03 34.40
N THR B 489 39.13 -22.11 34.83
CA THR B 489 37.82 -21.93 35.44
C THR B 489 37.88 -20.95 36.61
N HIS B 490 38.86 -21.09 37.50
CA HIS B 490 39.00 -20.12 38.59
C HIS B 490 38.88 -18.65 38.11
N LEU B 491 39.69 -18.22 37.15
CA LEU B 491 39.59 -16.81 36.76
C LEU B 491 38.23 -16.41 36.17
N ALA B 492 37.69 -17.18 35.23
CA ALA B 492 36.38 -16.82 34.70
C ALA B 492 35.20 -16.82 35.69
N LEU B 493 35.01 -17.98 36.33
CA LEU B 493 33.94 -18.16 37.33
C LEU B 493 33.90 -17.14 38.45
N MET B 494 35.06 -16.90 39.04
CA MET B 494 35.24 -15.95 40.12
C MET B 494 34.76 -14.57 39.74
N ASN B 495 35.39 -14.04 38.69
CA ASN B 495 35.11 -12.69 38.24
C ASN B 495 33.67 -12.50 37.84
N PHE B 496 33.11 -13.45 37.09
CA PHE B 496 31.69 -13.37 36.75
C PHE B 496 30.83 -13.27 38.01
N SER B 497 31.12 -14.16 38.97
CA SER B 497 30.39 -14.17 40.23
C SER B 497 30.57 -12.88 41.01
N TRP B 498 31.74 -12.25 40.87
CA TRP B 498 31.97 -10.97 41.52
C TRP B 498 31.05 -9.94 40.89
N ALA B 499 31.15 -9.83 39.56
CA ALA B 499 30.38 -8.88 38.77
C ALA B 499 28.85 -8.97 38.95
N MET B 500 28.35 -10.18 39.12
CA MET B 500 26.93 -10.39 39.37
C MET B 500 26.42 -9.84 40.70
N ASP B 501 27.11 -10.20 41.78
CA ASP B 501 26.78 -9.71 43.12
C ASP B 501 26.76 -8.18 43.22
N LEU B 502 27.71 -7.53 42.57
CA LEU B 502 27.87 -6.08 42.67
C LEU B 502 26.73 -5.25 42.09
N ASP B 503 25.94 -5.84 41.19
CA ASP B 503 24.99 -5.08 40.40
C ASP B 503 23.61 -5.72 40.44
N PRO B 504 23.13 -6.03 41.65
CA PRO B 504 21.78 -6.59 41.83
C PRO B 504 20.69 -5.52 41.86
#